data_3GTN
#
_entry.id   3GTN
#
_cell.length_a   61.338
_cell.length_b   82.108
_cell.length_c   96.648
_cell.angle_alpha   90.00
_cell.angle_beta   104.70
_cell.angle_gamma   90.00
#
_symmetry.space_group_name_H-M   'P 1 21 1'
#
_entity_poly.entity_id   1
_entity_poly.type   'polypeptide(L)'
_entity_poly.pdbx_seq_one_letter_code
;MASDVTVNVSAEKQVIRGFGGMNHPAWAGDLTAAQRETAFGNGQNQLGFSILRIHVDENRNNWYKEVETAKSAVKHGAIV
FASPWNPPSDMVETFNRNGDTSAKRLKYNKYAAYAQHLNDFVTFMKNNGVNLYAISVQNEPDYAHEWTWWTPQEILRFMR
ENAGSINARVIAPESFQYLKNLSDPILNDPQALANMDILGTHLYGTQVSQFPYPLFKQKGAGKDLWMTEVYYPNSDTNSA
DRWPEALDVSQHIHNAMVEGDFQAYVWWYIRRSYGPMKEDGTISKRGYNMAHFSKFVRPGYVRIDATKNPNANVYVSAYK
GDNKVVIVAINKSNTGVNQNFVLQNGSASNVSRWITSSSSNLQPGTNLTVSGNHFWAHLPAQSVTTFVVNRLEHHHHHHH
H
;
_entity_poly.pdbx_strand_id   A,B
#
# COMPACT_ATOMS: atom_id res chain seq x y z
N SER A 3 7.45 -10.29 -12.90
CA SER A 3 7.62 -11.61 -13.56
C SER A 3 7.20 -12.69 -12.59
N ASP A 4 7.80 -12.71 -11.41
CA ASP A 4 7.50 -13.76 -10.44
C ASP A 4 6.08 -13.61 -9.93
N VAL A 5 5.32 -14.68 -9.92
CA VAL A 5 4.03 -14.60 -9.30
C VAL A 5 4.25 -14.83 -7.81
N THR A 6 4.02 -13.83 -6.98
CA THR A 6 4.12 -14.09 -5.53
C THR A 6 2.75 -14.06 -4.87
N VAL A 7 2.49 -15.12 -4.11
CA VAL A 7 1.17 -15.38 -3.63
C VAL A 7 1.18 -15.19 -2.16
N ASN A 8 0.60 -14.08 -1.70
CA ASN A 8 0.55 -13.86 -0.28
C ASN A 8 -0.59 -14.53 0.48
N VAL A 9 -0.32 -15.68 1.07
CA VAL A 9 -1.31 -16.48 1.82
C VAL A 9 -1.96 -15.72 2.99
N SER A 10 -1.41 -14.56 3.28
CA SER A 10 -1.71 -13.84 4.49
C SER A 10 -2.59 -12.69 4.14
N ALA A 11 -2.59 -12.35 2.86
CA ALA A 11 -3.28 -11.17 2.39
C ALA A 11 -4.64 -11.59 1.84
N GLU A 12 -5.60 -11.69 2.73
CA GLU A 12 -6.91 -12.16 2.34
C GLU A 12 -7.72 -11.06 1.67
N LYS A 13 -8.42 -11.40 0.59
CA LYS A 13 -9.36 -10.45 -0.01
C LYS A 13 -10.75 -10.93 0.29
N GLN A 14 -11.57 -11.04 -0.73
CA GLN A 14 -12.97 -11.44 -0.59
C GLN A 14 -13.23 -12.94 -0.31
N VAL A 15 -14.31 -13.23 0.40
CA VAL A 15 -14.65 -14.62 0.65
C VAL A 15 -15.63 -15.08 -0.43
N ILE A 16 -15.25 -16.13 -1.13
CA ILE A 16 -16.03 -16.54 -2.29
C ILE A 16 -17.37 -17.13 -1.85
N ARG A 17 -18.44 -16.85 -2.58
CA ARG A 17 -19.65 -17.58 -2.32
C ARG A 17 -19.78 -18.73 -3.25
N GLY A 18 -19.24 -18.61 -4.47
CA GLY A 18 -19.47 -19.60 -5.50
C GLY A 18 -19.40 -19.10 -6.92
N PHE A 19 -19.78 -19.99 -7.82
CA PHE A 19 -19.77 -19.79 -9.29
C PHE A 19 -20.92 -20.62 -9.74
N GLY A 20 -21.55 -20.22 -10.83
CA GLY A 20 -22.69 -21.00 -11.29
C GLY A 20 -23.32 -20.47 -12.54
N GLY A 21 -24.52 -20.95 -12.83
CA GLY A 21 -25.25 -20.46 -13.97
C GLY A 21 -26.73 -20.30 -13.68
N MET A 22 -27.44 -19.89 -14.72
CA MET A 22 -28.88 -19.66 -14.65
C MET A 22 -29.61 -20.85 -15.17
N ASN A 23 -30.71 -21.21 -14.48
CA ASN A 23 -31.71 -22.11 -15.07
C ASN A 23 -33.04 -21.40 -15.32
N HIS A 24 -33.68 -21.74 -16.43
CA HIS A 24 -34.96 -21.15 -16.84
C HIS A 24 -35.71 -22.16 -17.71
N PRO A 25 -36.56 -22.99 -17.08
CA PRO A 25 -37.16 -24.06 -17.84
C PRO A 25 -38.12 -23.57 -18.92
N ALA A 26 -38.83 -22.47 -18.69
CA ALA A 26 -39.81 -22.00 -19.67
C ALA A 26 -39.12 -21.39 -20.85
N TRP A 27 -37.97 -20.76 -20.62
CA TRP A 27 -37.22 -20.09 -21.67
C TRP A 27 -36.16 -20.94 -22.40
N ALA A 28 -35.61 -21.93 -21.72
CA ALA A 28 -34.58 -22.72 -22.35
C ALA A 28 -34.79 -24.20 -22.11
N GLY A 29 -35.84 -24.56 -21.39
CA GLY A 29 -36.06 -25.95 -21.12
C GLY A 29 -35.27 -26.25 -19.90
N ASP A 30 -35.86 -27.03 -19.01
CA ASP A 30 -35.18 -27.41 -17.79
C ASP A 30 -33.89 -28.19 -18.08
N LEU A 31 -32.98 -28.21 -17.11
CA LEU A 31 -31.92 -29.20 -17.12
C LEU A 31 -32.55 -30.55 -16.88
N THR A 32 -31.91 -31.59 -17.44
CA THR A 32 -32.37 -32.95 -17.28
C THR A 32 -31.67 -33.55 -16.09
N ALA A 33 -32.25 -34.63 -15.56
CA ALA A 33 -31.66 -35.33 -14.40
C ALA A 33 -30.14 -35.39 -14.55
N ALA A 34 -29.67 -35.88 -15.69
CA ALA A 34 -28.26 -36.08 -15.93
C ALA A 34 -27.53 -34.74 -15.96
N GLN A 35 -28.14 -33.77 -16.63
CA GLN A 35 -27.57 -32.44 -16.69
C GLN A 35 -27.50 -31.85 -15.33
N ARG A 36 -28.59 -32.03 -14.59
CA ARG A 36 -28.66 -31.46 -13.24
C ARG A 36 -27.36 -31.69 -12.55
N GLU A 37 -26.84 -32.89 -12.67
CA GLU A 37 -25.64 -33.17 -11.92
C GLU A 37 -24.31 -33.01 -12.61
N THR A 38 -24.33 -32.84 -13.93
CA THR A 38 -23.12 -32.32 -14.60
C THR A 38 -22.89 -30.91 -14.07
N ALA A 39 -23.99 -30.23 -13.75
CA ALA A 39 -23.94 -28.86 -13.29
C ALA A 39 -23.49 -28.76 -11.84
N PHE A 40 -23.91 -29.69 -11.00
CA PHE A 40 -23.68 -29.52 -9.58
C PHE A 40 -22.79 -30.57 -8.92
N GLY A 41 -22.67 -31.74 -9.55
CA GLY A 41 -21.65 -32.69 -9.13
C GLY A 41 -20.31 -32.02 -9.25
N ASN A 42 -19.34 -32.47 -8.46
CA ASN A 42 -17.98 -31.98 -8.62
C ASN A 42 -17.02 -33.11 -8.95
N GLY A 43 -17.53 -34.13 -9.63
CA GLY A 43 -16.73 -35.26 -9.96
C GLY A 43 -15.94 -35.00 -11.23
N GLN A 44 -15.32 -36.03 -11.76
CA GLN A 44 -14.65 -35.90 -13.00
C GLN A 44 -15.73 -35.52 -14.01
N ASN A 45 -15.48 -34.49 -14.80
CA ASN A 45 -16.44 -34.11 -15.84
C ASN A 45 -17.76 -33.58 -15.34
N GLN A 46 -17.74 -33.05 -14.13
CA GLN A 46 -18.80 -32.17 -13.70
C GLN A 46 -18.28 -30.76 -13.43
N LEU A 47 -19.15 -29.77 -13.61
CA LEU A 47 -18.79 -28.38 -13.38
C LEU A 47 -18.64 -27.95 -11.88
N GLY A 48 -19.24 -28.69 -10.96
CA GLY A 48 -19.16 -28.27 -9.56
C GLY A 48 -19.70 -26.87 -9.30
N PHE A 49 -20.58 -26.39 -10.15
CA PHE A 49 -21.28 -25.15 -9.88
C PHE A 49 -21.86 -25.13 -8.49
N SER A 50 -21.65 -24.06 -7.73
CA SER A 50 -22.16 -24.08 -6.36
C SER A 50 -23.19 -22.93 -6.11
N ILE A 51 -23.63 -22.36 -7.24
CA ILE A 51 -24.67 -21.36 -7.20
C ILE A 51 -25.59 -21.56 -8.36
N LEU A 52 -26.87 -21.70 -8.06
CA LEU A 52 -27.85 -21.75 -9.11
C LEU A 52 -28.65 -20.48 -9.05
N ARG A 53 -28.97 -19.94 -10.22
CA ARG A 53 -29.91 -18.82 -10.27
C ARG A 53 -31.15 -19.29 -11.00
N ILE A 54 -32.30 -18.85 -10.49
CA ILE A 54 -33.57 -19.16 -11.12
C ILE A 54 -34.40 -17.88 -11.14
N HIS A 55 -35.46 -17.81 -11.95
CA HIS A 55 -36.23 -16.58 -12.12
C HIS A 55 -37.55 -16.64 -11.38
N VAL A 56 -37.98 -15.51 -10.84
CA VAL A 56 -39.26 -15.42 -10.14
C VAL A 56 -40.27 -15.04 -11.19
N ASP A 57 -41.15 -15.95 -11.52
CA ASP A 57 -42.06 -15.74 -12.65
C ASP A 57 -43.30 -14.92 -12.22
N GLU A 58 -43.58 -13.84 -12.95
CA GLU A 58 -44.75 -12.99 -12.64
C GLU A 58 -45.99 -13.79 -12.27
N ASN A 59 -46.14 -14.91 -12.97
CA ASN A 59 -47.25 -15.82 -12.82
C ASN A 59 -47.00 -16.96 -11.84
N ARG A 60 -47.63 -16.91 -10.67
CA ARG A 60 -47.25 -17.78 -9.59
C ARG A 60 -47.63 -19.24 -9.79
N ASN A 61 -48.41 -19.56 -10.82
CA ASN A 61 -48.75 -20.97 -11.04
C ASN A 61 -47.75 -21.72 -11.89
N ASN A 62 -46.70 -21.01 -12.32
CA ASN A 62 -45.52 -21.57 -12.93
C ASN A 62 -44.36 -21.81 -11.94
N TRP A 63 -44.44 -21.19 -10.76
CA TRP A 63 -43.35 -21.31 -9.80
C TRP A 63 -42.83 -22.73 -9.69
N TYR A 64 -43.75 -23.69 -9.71
CA TYR A 64 -43.38 -25.08 -9.56
C TYR A 64 -42.34 -25.57 -10.61
N LYS A 65 -42.31 -24.92 -11.75
CA LYS A 65 -41.34 -25.32 -12.72
C LYS A 65 -39.95 -25.34 -12.12
N GLU A 66 -39.73 -24.55 -11.08
CA GLU A 66 -38.39 -24.30 -10.61
C GLU A 66 -37.84 -25.40 -9.74
N VAL A 67 -38.74 -26.09 -9.06
CA VAL A 67 -38.41 -26.95 -7.92
C VAL A 67 -37.41 -28.11 -8.15
N GLU A 68 -37.74 -29.02 -9.06
CA GLU A 68 -36.92 -30.19 -9.30
C GLU A 68 -35.44 -29.80 -9.44
N THR A 69 -35.15 -28.78 -10.26
CA THR A 69 -33.77 -28.40 -10.49
C THR A 69 -33.13 -27.69 -9.32
N ALA A 70 -33.92 -26.93 -8.59
CA ALA A 70 -33.46 -26.22 -7.37
C ALA A 70 -33.00 -27.25 -6.33
N LYS A 71 -33.94 -27.97 -5.77
CA LYS A 71 -33.72 -29.28 -5.17
C LYS A 71 -32.41 -30.01 -5.55
N SER A 72 -32.23 -30.32 -6.83
CA SER A 72 -30.96 -30.94 -7.19
C SER A 72 -29.78 -30.14 -6.68
N ALA A 73 -29.77 -28.86 -7.07
CA ALA A 73 -28.73 -27.93 -6.65
C ALA A 73 -28.56 -27.97 -5.15
N VAL A 74 -29.67 -27.82 -4.45
CA VAL A 74 -29.66 -27.75 -3.00
C VAL A 74 -29.14 -29.08 -2.44
N LYS A 75 -29.39 -30.16 -3.15
CA LYS A 75 -28.92 -31.41 -2.64
C LYS A 75 -27.41 -31.46 -2.82
N HIS A 76 -26.90 -30.85 -3.88
CA HIS A 76 -25.47 -30.94 -4.10
C HIS A 76 -24.70 -29.93 -3.24
N GLY A 77 -25.40 -29.18 -2.39
CA GLY A 77 -24.75 -28.18 -1.57
C GLY A 77 -24.60 -26.83 -2.23
N ALA A 78 -25.09 -26.66 -3.45
CA ALA A 78 -25.13 -25.33 -4.06
C ALA A 78 -26.16 -24.47 -3.35
N ILE A 79 -25.97 -23.15 -3.38
CA ILE A 79 -27.02 -22.26 -2.92
C ILE A 79 -27.84 -21.83 -4.11
N VAL A 80 -29.06 -21.34 -3.87
CA VAL A 80 -29.91 -20.88 -4.97
C VAL A 80 -30.49 -19.52 -4.66
N PHE A 81 -30.30 -18.55 -5.56
CA PHE A 81 -31.07 -17.31 -5.50
C PHE A 81 -31.98 -17.13 -6.73
N ALA A 82 -32.95 -16.23 -6.55
CA ALA A 82 -33.98 -16.02 -7.55
C ALA A 82 -34.10 -14.56 -7.99
N SER A 83 -34.47 -14.37 -9.25
CA SER A 83 -34.46 -13.05 -9.86
C SER A 83 -35.75 -12.89 -10.61
N PRO A 84 -36.54 -11.89 -10.23
CA PRO A 84 -37.78 -11.51 -10.84
C PRO A 84 -37.54 -10.68 -12.09
N TRP A 85 -38.24 -11.00 -13.19
CA TRP A 85 -38.20 -10.14 -14.37
C TRP A 85 -39.34 -9.13 -14.44
N ASN A 86 -40.51 -9.56 -14.04
CA ASN A 86 -41.70 -8.75 -14.12
C ASN A 86 -42.56 -9.07 -12.90
N PRO A 87 -43.18 -8.04 -12.30
CA PRO A 87 -44.17 -8.32 -11.28
C PRO A 87 -45.44 -8.83 -11.95
N PRO A 88 -46.39 -9.37 -11.16
CA PRO A 88 -47.59 -9.87 -11.80
C PRO A 88 -48.26 -8.77 -12.58
N SER A 89 -48.42 -9.07 -13.87
CA SER A 89 -49.00 -8.21 -14.87
C SER A 89 -50.02 -7.20 -14.37
N ASP A 90 -50.81 -7.58 -13.38
CA ASP A 90 -51.78 -6.64 -12.86
C ASP A 90 -51.14 -5.64 -11.90
N MET A 91 -49.84 -5.76 -11.65
CA MET A 91 -49.16 -4.78 -10.80
C MET A 91 -48.44 -3.66 -11.59
N VAL A 92 -48.61 -3.66 -12.91
CA VAL A 92 -47.70 -2.97 -13.80
C VAL A 92 -48.42 -1.91 -14.59
N GLU A 93 -47.84 -0.73 -14.71
CA GLU A 93 -48.42 0.30 -15.55
C GLU A 93 -47.53 0.70 -16.71
N THR A 94 -48.15 0.99 -17.84
CA THR A 94 -47.42 1.54 -18.95
C THR A 94 -47.20 3.04 -18.77
N PHE A 95 -45.94 3.46 -18.78
CA PHE A 95 -45.61 4.88 -18.60
C PHE A 95 -44.74 5.36 -19.72
N ASN A 96 -44.46 6.67 -19.71
CA ASN A 96 -43.68 7.25 -20.78
C ASN A 96 -42.18 7.36 -20.50
N ARG A 97 -41.42 6.44 -21.05
CA ARG A 97 -39.97 6.51 -20.99
C ARG A 97 -39.47 7.13 -22.30
N ASN A 98 -38.79 8.27 -22.19
CA ASN A 98 -38.40 9.09 -23.34
C ASN A 98 -39.21 8.86 -24.60
N GLY A 99 -40.37 9.50 -24.67
CA GLY A 99 -41.20 9.41 -25.86
C GLY A 99 -41.47 7.97 -26.16
N ASP A 100 -41.78 7.20 -25.13
CA ASP A 100 -42.02 5.79 -25.30
C ASP A 100 -43.31 5.39 -24.60
N THR A 101 -44.40 5.51 -25.33
CA THR A 101 -45.72 5.16 -24.81
C THR A 101 -45.69 3.80 -24.08
N SER A 102 -44.75 2.93 -24.47
CA SER A 102 -44.79 1.48 -24.10
C SER A 102 -44.01 0.97 -22.85
N ALA A 103 -42.98 1.69 -22.41
CA ALA A 103 -42.16 1.25 -21.26
C ALA A 103 -42.95 0.87 -20.01
N LYS A 104 -42.62 -0.26 -19.39
CA LYS A 104 -43.38 -0.70 -18.23
C LYS A 104 -42.68 -0.46 -16.87
N ARG A 105 -43.44 -0.32 -15.80
CA ARG A 105 -42.84 -0.16 -14.48
C ARG A 105 -43.78 -0.69 -13.43
N LEU A 106 -43.25 -1.09 -12.29
CA LEU A 106 -44.08 -1.40 -11.13
C LEU A 106 -44.93 -0.15 -10.85
N LYS A 107 -46.19 -0.30 -10.45
CA LYS A 107 -46.97 0.86 -10.09
C LYS A 107 -46.55 1.34 -8.73
N TYR A 108 -46.45 2.65 -8.58
CA TYR A 108 -45.88 3.22 -7.36
C TYR A 108 -46.50 2.64 -6.12
N ASN A 109 -47.75 2.25 -6.22
CA ASN A 109 -48.44 1.87 -5.02
C ASN A 109 -48.63 0.34 -4.87
N LYS A 110 -48.03 -0.40 -5.80
CA LYS A 110 -47.90 -1.85 -5.68
C LYS A 110 -46.59 -2.28 -5.02
N TYR A 111 -45.77 -1.32 -4.62
CA TYR A 111 -44.53 -1.68 -3.94
C TYR A 111 -44.68 -2.73 -2.82
N ALA A 112 -45.75 -2.70 -2.04
CA ALA A 112 -45.94 -3.68 -0.98
C ALA A 112 -46.56 -4.98 -1.48
N ALA A 113 -47.43 -4.89 -2.48
CA ALA A 113 -47.94 -6.08 -3.09
C ALA A 113 -46.74 -6.79 -3.70
N TYR A 114 -45.96 -6.08 -4.49
CA TYR A 114 -44.77 -6.66 -5.03
C TYR A 114 -43.98 -7.35 -3.96
N ALA A 115 -43.81 -6.71 -2.81
CA ALA A 115 -42.98 -7.33 -1.80
C ALA A 115 -43.60 -8.63 -1.33
N GLN A 116 -44.92 -8.68 -1.26
CA GLN A 116 -45.63 -9.89 -0.80
C GLN A 116 -45.39 -11.01 -1.80
N HIS A 117 -45.60 -10.67 -3.06
CA HIS A 117 -45.31 -11.58 -4.15
C HIS A 117 -43.87 -12.15 -4.04
N LEU A 118 -42.86 -11.30 -3.97
CA LEU A 118 -41.56 -11.85 -3.64
C LEU A 118 -41.63 -12.85 -2.46
N ASN A 119 -42.05 -12.40 -1.29
CA ASN A 119 -42.11 -13.29 -0.13
C ASN A 119 -42.82 -14.60 -0.40
N ASP A 120 -43.93 -14.52 -1.13
CA ASP A 120 -44.70 -15.71 -1.45
C ASP A 120 -43.83 -16.71 -2.15
N PHE A 121 -43.03 -16.20 -3.08
CA PHE A 121 -42.13 -17.06 -3.83
C PHE A 121 -41.12 -17.74 -2.91
N VAL A 122 -40.45 -16.94 -2.07
CA VAL A 122 -39.53 -17.43 -1.07
C VAL A 122 -40.19 -18.49 -0.19
N THR A 123 -41.46 -18.26 0.17
CA THR A 123 -42.21 -19.24 0.96
C THR A 123 -42.48 -20.50 0.20
N PHE A 124 -42.95 -20.37 -1.05
CA PHE A 124 -43.34 -21.50 -1.91
C PHE A 124 -42.15 -22.41 -2.14
N MET A 125 -41.02 -21.85 -2.52
CA MET A 125 -39.80 -22.61 -2.59
C MET A 125 -39.53 -23.32 -1.29
N LYS A 126 -39.72 -22.63 -0.18
CA LYS A 126 -39.40 -23.26 1.09
C LYS A 126 -40.27 -24.49 1.23
N ASN A 127 -41.56 -24.29 1.01
CA ASN A 127 -42.49 -25.40 1.13
C ASN A 127 -42.18 -26.56 0.22
N ASN A 128 -41.31 -26.37 -0.74
CA ASN A 128 -40.98 -27.46 -1.64
C ASN A 128 -39.54 -27.88 -1.44
N GLY A 129 -39.05 -27.62 -0.24
CA GLY A 129 -37.78 -28.13 0.20
C GLY A 129 -36.61 -27.33 -0.28
N VAL A 130 -36.82 -26.06 -0.60
CA VAL A 130 -35.73 -25.28 -1.14
C VAL A 130 -35.71 -23.94 -0.42
N ASN A 131 -34.77 -23.74 0.48
CA ASN A 131 -34.59 -22.45 1.11
C ASN A 131 -33.73 -21.51 0.27
N LEU A 132 -34.33 -20.59 -0.49
CA LEU A 132 -33.55 -19.61 -1.25
C LEU A 132 -32.46 -18.95 -0.37
N TYR A 133 -31.30 -18.79 -0.94
CA TYR A 133 -30.28 -18.05 -0.28
C TYR A 133 -30.63 -16.56 -0.32
N ALA A 134 -31.04 -16.11 -1.51
CA ALA A 134 -31.31 -14.72 -1.72
C ALA A 134 -32.45 -14.56 -2.74
N ILE A 135 -33.01 -13.35 -2.79
CA ILE A 135 -33.94 -12.96 -3.82
C ILE A 135 -33.71 -11.52 -4.22
N SER A 136 -33.81 -11.28 -5.52
CA SER A 136 -33.53 -9.97 -6.11
C SER A 136 -34.78 -9.12 -6.32
N VAL A 137 -34.64 -7.80 -6.18
CA VAL A 137 -35.75 -6.91 -6.35
C VAL A 137 -36.19 -6.91 -7.79
N GLN A 138 -35.25 -6.84 -8.72
CA GLN A 138 -35.60 -6.70 -10.14
C GLN A 138 -34.38 -7.05 -10.97
N ASN A 139 -34.59 -7.72 -12.10
CA ASN A 139 -33.49 -8.03 -13.01
C ASN A 139 -33.27 -6.90 -13.99
N GLU A 140 -32.05 -6.37 -14.04
CA GLU A 140 -31.69 -5.29 -14.94
C GLU A 140 -32.79 -4.23 -15.02
N PRO A 141 -33.01 -3.52 -13.91
CA PRO A 141 -34.08 -2.51 -13.82
C PRO A 141 -33.73 -1.35 -14.71
N ASP A 142 -32.43 -1.25 -15.01
CA ASP A 142 -31.91 -0.23 -15.92
C ASP A 142 -31.69 -0.67 -17.38
N TYR A 143 -32.37 -1.73 -17.80
CA TYR A 143 -32.31 -2.21 -19.16
C TYR A 143 -33.59 -2.99 -19.46
N ALA A 144 -34.70 -2.35 -19.16
CA ALA A 144 -35.95 -3.04 -19.12
C ALA A 144 -36.78 -2.91 -20.41
N HIS A 145 -36.18 -2.51 -21.52
CA HIS A 145 -36.89 -2.49 -22.80
C HIS A 145 -38.00 -3.55 -22.86
N GLU A 146 -37.69 -4.77 -22.42
CA GLU A 146 -38.64 -5.86 -22.51
C GLU A 146 -38.91 -6.56 -21.16
N TRP A 147 -38.72 -5.83 -20.07
CA TRP A 147 -39.28 -6.20 -18.79
C TRP A 147 -39.76 -4.98 -17.99
N THR A 148 -39.30 -4.82 -16.75
CA THR A 148 -39.83 -3.72 -15.94
C THR A 148 -38.79 -2.70 -15.68
N TRP A 149 -39.03 -1.44 -16.08
CA TRP A 149 -38.06 -0.39 -15.78
C TRP A 149 -38.22 -0.03 -14.34
N TRP A 150 -37.12 0.37 -13.71
CA TRP A 150 -37.14 1.04 -12.40
C TRP A 150 -36.03 2.03 -12.49
N THR A 151 -36.28 3.28 -12.13
CA THR A 151 -35.23 4.26 -12.02
C THR A 151 -34.46 4.16 -10.70
N PRO A 152 -33.27 4.75 -10.63
CA PRO A 152 -32.53 4.67 -9.37
C PRO A 152 -33.36 5.05 -8.15
N GLN A 153 -34.16 6.12 -8.25
CA GLN A 153 -35.00 6.54 -7.15
C GLN A 153 -36.15 5.63 -6.81
N GLU A 154 -36.77 5.04 -7.81
CA GLU A 154 -37.77 4.02 -7.58
C GLU A 154 -37.22 2.87 -6.72
N ILE A 155 -36.20 2.19 -7.23
CA ILE A 155 -35.46 1.16 -6.49
C ILE A 155 -35.08 1.64 -5.10
N LEU A 156 -34.66 2.89 -4.98
CA LEU A 156 -34.24 3.40 -3.68
C LEU A 156 -35.38 3.30 -2.66
N ARG A 157 -36.61 3.60 -3.07
CA ARG A 157 -37.73 3.56 -2.14
C ARG A 157 -37.98 2.11 -1.79
N PHE A 158 -38.18 1.28 -2.80
CA PHE A 158 -38.43 -0.11 -2.51
C PHE A 158 -37.41 -0.65 -1.52
N MET A 159 -36.16 -0.23 -1.66
CA MET A 159 -35.14 -0.61 -0.70
C MET A 159 -35.48 -0.04 0.66
N ARG A 160 -35.78 1.26 0.68
CA ARG A 160 -36.00 1.96 1.93
C ARG A 160 -37.25 1.41 2.62
N GLU A 161 -38.36 1.39 1.91
CA GLU A 161 -39.66 1.08 2.47
C GLU A 161 -40.06 -0.40 2.42
N ASN A 162 -39.52 -1.18 1.48
CA ASN A 162 -40.02 -2.55 1.26
C ASN A 162 -39.04 -3.72 1.42
N ALA A 163 -37.89 -3.62 0.79
CA ALA A 163 -36.86 -4.63 1.00
C ALA A 163 -36.87 -5.16 2.44
N GLY A 164 -37.15 -4.30 3.41
CA GLY A 164 -37.12 -4.69 4.83
C GLY A 164 -38.02 -5.87 5.20
N SER A 165 -39.10 -6.06 4.42
CA SER A 165 -40.11 -7.07 4.67
C SER A 165 -39.59 -8.47 4.34
N ILE A 166 -39.33 -8.69 3.06
CA ILE A 166 -38.72 -9.93 2.54
C ILE A 166 -37.88 -10.79 3.49
N ASN A 167 -38.41 -11.95 3.87
CA ASN A 167 -37.61 -12.88 4.67
C ASN A 167 -36.56 -13.68 3.90
N ALA A 168 -35.64 -12.96 3.28
CA ALA A 168 -34.48 -13.58 2.69
C ALA A 168 -33.51 -12.46 2.36
N ARG A 169 -32.24 -12.81 2.26
CA ARG A 169 -31.23 -11.88 1.86
C ARG A 169 -31.69 -11.25 0.56
N VAL A 170 -31.38 -9.97 0.42
CA VAL A 170 -31.90 -9.17 -0.68
C VAL A 170 -30.81 -8.76 -1.65
N ILE A 171 -30.90 -9.25 -2.87
CA ILE A 171 -30.00 -8.81 -3.92
C ILE A 171 -30.65 -7.58 -4.53
N ALA A 172 -29.80 -6.61 -4.85
CA ALA A 172 -30.14 -5.46 -5.65
C ALA A 172 -28.78 -4.88 -6.00
N PRO A 173 -28.72 -4.09 -7.08
CA PRO A 173 -29.91 -3.81 -7.88
C PRO A 173 -29.83 -4.40 -9.28
N GLU A 174 -28.90 -5.32 -9.52
CA GLU A 174 -28.83 -6.08 -10.78
C GLU A 174 -28.82 -5.25 -12.08
N SER A 175 -28.02 -4.18 -12.09
CA SER A 175 -27.75 -3.38 -13.28
C SER A 175 -27.14 -4.23 -14.43
N PHE A 176 -27.66 -4.06 -15.65
CA PHE A 176 -27.15 -4.89 -16.75
C PHE A 176 -25.69 -4.66 -16.99
N GLN A 177 -25.17 -3.57 -16.50
CA GLN A 177 -23.81 -3.27 -16.86
C GLN A 177 -23.03 -2.60 -15.72
N TYR A 178 -23.52 -2.77 -14.50
CA TYR A 178 -22.78 -2.30 -13.35
C TYR A 178 -22.68 -0.78 -13.32
N LEU A 179 -23.69 -0.13 -13.91
CA LEU A 179 -23.76 1.32 -13.88
C LEU A 179 -24.00 1.74 -12.44
N LYS A 180 -23.02 2.43 -11.85
CA LYS A 180 -23.07 2.79 -10.44
C LYS A 180 -24.17 3.81 -10.08
N ASN A 181 -24.68 4.56 -11.04
CA ASN A 181 -25.81 5.44 -10.71
C ASN A 181 -26.99 4.68 -10.11
N LEU A 182 -27.12 3.40 -10.46
CA LEU A 182 -28.28 2.62 -10.05
C LEU A 182 -28.15 2.05 -8.66
N SER A 183 -27.01 2.21 -8.00
CA SER A 183 -26.80 1.59 -6.71
C SER A 183 -26.15 2.53 -5.69
N ASP A 184 -25.68 3.68 -6.14
CA ASP A 184 -25.11 4.61 -5.20
C ASP A 184 -26.23 5.03 -4.27
N PRO A 185 -27.36 5.44 -4.84
CA PRO A 185 -28.50 5.84 -4.03
C PRO A 185 -28.71 4.95 -2.81
N ILE A 186 -28.25 3.69 -2.85
CA ILE A 186 -28.53 2.74 -1.78
C ILE A 186 -27.44 2.72 -0.73
N LEU A 187 -26.20 2.73 -1.19
CA LEU A 187 -25.06 2.75 -0.30
C LEU A 187 -25.12 4.02 0.55
N ASN A 188 -25.60 5.09 -0.09
CA ASN A 188 -25.56 6.40 0.49
C ASN A 188 -26.76 6.67 1.37
N ASP A 189 -27.56 5.65 1.60
CA ASP A 189 -28.75 5.78 2.37
C ASP A 189 -28.74 4.77 3.50
N PRO A 190 -28.19 5.15 4.67
CA PRO A 190 -27.91 4.08 5.59
C PRO A 190 -29.11 3.18 5.77
N GLN A 191 -30.27 3.64 5.36
CA GLN A 191 -31.49 2.91 5.64
C GLN A 191 -31.83 1.88 4.60
N ALA A 192 -31.75 2.26 3.32
CA ALA A 192 -31.82 1.30 2.24
C ALA A 192 -30.68 0.31 2.39
N LEU A 193 -29.48 0.80 2.58
CA LEU A 193 -28.34 -0.06 2.87
C LEU A 193 -28.60 -1.14 3.93
N ALA A 194 -29.38 -0.82 4.96
CA ALA A 194 -29.77 -1.84 5.94
C ALA A 194 -30.54 -2.98 5.27
N ASN A 195 -31.50 -2.63 4.42
CA ASN A 195 -32.32 -3.64 3.76
C ASN A 195 -31.68 -4.43 2.64
N MET A 196 -30.42 -4.12 2.32
CA MET A 196 -29.70 -4.86 1.28
C MET A 196 -28.77 -5.91 1.87
N ASP A 197 -28.58 -7.00 1.16
CA ASP A 197 -27.74 -8.05 1.70
C ASP A 197 -26.60 -8.33 0.74
N ILE A 198 -26.90 -8.16 -0.54
CA ILE A 198 -25.93 -8.42 -1.58
C ILE A 198 -26.10 -7.34 -2.61
N LEU A 199 -25.00 -6.73 -3.02
CA LEU A 199 -25.02 -5.87 -4.19
C LEU A 199 -24.87 -6.79 -5.39
N GLY A 200 -25.72 -6.64 -6.40
CA GLY A 200 -25.67 -7.54 -7.49
C GLY A 200 -25.64 -6.85 -8.84
N THR A 201 -24.78 -7.33 -9.72
CA THR A 201 -24.75 -6.70 -10.99
C THR A 201 -24.46 -7.69 -12.05
N HIS A 202 -24.65 -7.26 -13.29
CA HIS A 202 -24.18 -7.95 -14.47
C HIS A 202 -23.07 -7.13 -15.06
N LEU A 203 -22.40 -7.68 -16.06
CA LEU A 203 -21.23 -7.04 -16.61
C LEU A 203 -21.33 -6.92 -18.11
N TYR A 204 -22.56 -6.86 -18.64
CA TYR A 204 -22.74 -6.81 -20.07
C TYR A 204 -22.17 -5.55 -20.67
N GLY A 205 -20.95 -5.63 -21.18
CA GLY A 205 -20.39 -4.47 -21.83
C GLY A 205 -19.70 -3.54 -20.87
N THR A 206 -19.59 -3.95 -19.60
CA THR A 206 -18.81 -3.24 -18.61
C THR A 206 -17.31 -3.42 -18.86
N GLN A 207 -16.58 -2.32 -19.05
CA GLN A 207 -15.14 -2.39 -19.24
C GLN A 207 -14.40 -2.65 -17.92
N VAL A 208 -13.23 -3.27 -18.00
CA VAL A 208 -12.48 -3.65 -16.81
C VAL A 208 -12.29 -2.48 -15.87
N SER A 209 -12.16 -1.30 -16.43
CA SER A 209 -12.00 -0.12 -15.60
C SER A 209 -13.18 0.13 -14.68
N GLN A 210 -14.36 -0.41 -15.00
CA GLN A 210 -15.58 -0.12 -14.22
C GLN A 210 -15.88 -1.23 -13.20
N PHE A 211 -14.99 -2.23 -13.18
CA PHE A 211 -15.10 -3.37 -12.30
C PHE A 211 -14.88 -3.00 -10.86
N PRO A 212 -14.03 -2.01 -10.59
CA PRO A 212 -13.88 -1.60 -9.21
C PRO A 212 -15.00 -0.60 -8.81
N TYR A 213 -15.21 -0.44 -7.51
CA TYR A 213 -16.33 0.32 -7.00
C TYR A 213 -15.99 0.87 -5.58
N PRO A 214 -15.27 2.00 -5.55
CA PRO A 214 -14.91 2.66 -4.29
C PRO A 214 -16.14 2.90 -3.44
N LEU A 215 -17.24 3.38 -4.00
CA LEU A 215 -18.37 3.65 -3.12
C LEU A 215 -18.65 2.42 -2.27
N PHE A 216 -18.75 1.27 -2.89
CA PHE A 216 -19.07 0.08 -2.15
C PHE A 216 -17.97 -0.21 -1.14
N LYS A 217 -16.73 -0.09 -1.58
CA LYS A 217 -15.65 -0.44 -0.70
C LYS A 217 -15.75 0.40 0.57
N GLN A 218 -16.36 1.57 0.43
CA GLN A 218 -16.40 2.55 1.49
C GLN A 218 -17.58 2.21 2.38
N LYS A 219 -18.73 2.00 1.77
CA LYS A 219 -19.93 1.95 2.56
C LYS A 219 -20.54 0.56 2.77
N GLY A 220 -19.94 -0.46 2.15
CA GLY A 220 -20.55 -1.78 2.07
C GLY A 220 -19.99 -2.90 2.91
N ALA A 221 -19.23 -2.56 3.94
CA ALA A 221 -18.76 -3.53 4.92
C ALA A 221 -19.95 -4.34 5.39
N GLY A 222 -19.73 -5.61 5.70
CA GLY A 222 -20.83 -6.50 6.06
C GLY A 222 -21.71 -6.87 4.88
N LYS A 223 -21.54 -6.19 3.74
CA LYS A 223 -22.33 -6.49 2.54
C LYS A 223 -21.59 -7.40 1.51
N ASP A 224 -22.37 -8.16 0.71
CA ASP A 224 -21.83 -9.02 -0.33
C ASP A 224 -21.83 -8.37 -1.71
N LEU A 225 -20.89 -8.78 -2.55
CA LEU A 225 -20.82 -8.32 -3.92
C LEU A 225 -20.90 -9.53 -4.82
N TRP A 226 -21.95 -9.60 -5.62
CA TRP A 226 -22.13 -10.68 -6.58
C TRP A 226 -22.29 -10.20 -8.01
N MET A 227 -21.72 -10.98 -8.92
CA MET A 227 -21.85 -10.78 -10.35
C MET A 227 -22.87 -11.83 -10.69
N THR A 228 -24.12 -11.42 -10.87
CA THR A 228 -25.20 -12.38 -10.91
C THR A 228 -25.52 -12.79 -12.33
N GLU A 229 -24.86 -12.16 -13.29
CA GLU A 229 -25.17 -12.47 -14.69
C GLU A 229 -24.27 -11.85 -15.75
N VAL A 230 -23.68 -12.73 -16.55
CA VAL A 230 -23.08 -12.28 -17.78
C VAL A 230 -22.93 -13.50 -18.68
N TYR A 231 -22.91 -13.30 -20.01
CA TYR A 231 -22.17 -14.22 -20.85
C TYR A 231 -21.08 -13.44 -21.56
N TYR A 232 -20.02 -14.11 -21.95
CA TYR A 232 -18.84 -13.46 -22.44
C TYR A 232 -17.99 -14.51 -23.13
N PRO A 233 -17.26 -14.12 -24.18
CA PRO A 233 -17.16 -12.78 -24.78
C PRO A 233 -18.32 -12.46 -25.72
N ASN A 234 -19.18 -13.42 -25.99
CA ASN A 234 -20.30 -13.17 -26.87
C ASN A 234 -21.31 -14.26 -26.61
N SER A 235 -22.43 -14.20 -27.31
CA SER A 235 -23.40 -15.26 -27.22
C SER A 235 -23.67 -15.74 -28.65
N ASP A 236 -22.63 -16.27 -29.28
CA ASP A 236 -22.69 -16.63 -30.67
C ASP A 236 -23.15 -18.04 -30.69
N THR A 237 -24.34 -18.24 -31.18
CA THR A 237 -24.89 -19.55 -31.16
C THR A 237 -23.80 -20.52 -31.63
N ASN A 238 -23.64 -21.62 -30.91
CA ASN A 238 -22.62 -22.62 -31.27
C ASN A 238 -21.14 -22.19 -31.17
N SER A 239 -20.78 -21.50 -30.10
CA SER A 239 -19.44 -20.95 -29.96
C SER A 239 -18.69 -21.60 -28.80
N ALA A 240 -19.37 -22.41 -28.00
CA ALA A 240 -18.84 -22.71 -26.69
C ALA A 240 -17.56 -23.54 -26.67
N ASP A 241 -17.17 -24.06 -27.85
CA ASP A 241 -15.91 -24.83 -27.97
C ASP A 241 -14.77 -24.14 -28.74
N ARG A 242 -14.96 -22.94 -29.25
CA ARG A 242 -13.88 -22.29 -29.96
C ARG A 242 -12.63 -22.09 -29.05
N TRP A 243 -11.45 -22.49 -29.53
CA TRP A 243 -10.21 -22.09 -28.91
C TRP A 243 -9.48 -21.18 -29.88
N PRO A 244 -8.80 -20.14 -29.40
CA PRO A 244 -8.60 -19.79 -28.01
C PRO A 244 -9.74 -18.94 -27.44
N GLU A 245 -10.76 -18.67 -28.23
CA GLU A 245 -11.85 -17.82 -27.72
C GLU A 245 -12.25 -18.04 -26.25
N ALA A 246 -12.41 -19.29 -25.81
CA ALA A 246 -12.99 -19.58 -24.48
C ALA A 246 -12.09 -19.19 -23.35
N LEU A 247 -10.80 -19.06 -23.65
CA LEU A 247 -9.87 -18.46 -22.69
C LEU A 247 -10.49 -17.17 -22.18
N ASP A 248 -11.15 -16.44 -23.04
CA ASP A 248 -11.73 -15.19 -22.58
C ASP A 248 -12.66 -15.35 -21.40
N VAL A 249 -13.49 -16.38 -21.42
CA VAL A 249 -14.42 -16.61 -20.31
C VAL A 249 -13.59 -16.64 -19.02
N SER A 250 -12.46 -17.33 -19.12
CA SER A 250 -11.55 -17.51 -18.00
C SER A 250 -11.02 -16.17 -17.51
N GLN A 251 -10.32 -15.43 -18.35
CA GLN A 251 -9.82 -14.12 -17.92
C GLN A 251 -10.96 -13.18 -17.49
N HIS A 252 -12.13 -13.36 -18.06
CA HIS A 252 -13.26 -12.54 -17.62
C HIS A 252 -13.58 -12.74 -16.11
N ILE A 253 -13.55 -14.00 -15.69
CA ILE A 253 -13.80 -14.34 -14.34
C ILE A 253 -12.60 -13.84 -13.51
N HIS A 254 -11.41 -14.18 -13.99
CA HIS A 254 -10.19 -13.59 -13.48
C HIS A 254 -10.47 -12.17 -13.07
N ASN A 255 -10.87 -11.35 -14.03
CA ASN A 255 -11.04 -9.94 -13.72
C ASN A 255 -12.16 -9.75 -12.72
N ALA A 256 -13.22 -10.53 -12.83
CA ALA A 256 -14.36 -10.32 -11.94
C ALA A 256 -13.82 -10.39 -10.52
N MET A 257 -12.95 -11.37 -10.32
CA MET A 257 -12.47 -11.80 -9.01
C MET A 257 -11.45 -10.84 -8.40
N VAL A 258 -10.74 -10.17 -9.31
CA VAL A 258 -9.49 -9.52 -9.00
C VAL A 258 -9.64 -7.99 -9.10
N GLU A 259 -10.16 -7.51 -10.20
CA GLU A 259 -10.33 -6.08 -10.27
C GLU A 259 -11.67 -5.78 -9.63
N GLY A 260 -12.49 -6.81 -9.43
CA GLY A 260 -13.87 -6.59 -9.05
C GLY A 260 -14.23 -7.00 -7.63
N ASP A 261 -13.42 -7.87 -7.06
CA ASP A 261 -13.73 -8.40 -5.75
C ASP A 261 -15.16 -8.95 -5.62
N PHE A 262 -15.73 -9.42 -6.72
CA PHE A 262 -16.94 -10.22 -6.69
C PHE A 262 -16.76 -11.56 -5.98
N GLN A 263 -17.73 -11.94 -5.18
CA GLN A 263 -17.68 -13.15 -4.38
C GLN A 263 -18.41 -14.27 -5.06
N ALA A 264 -18.96 -13.98 -6.22
CA ALA A 264 -19.81 -14.92 -6.90
C ALA A 264 -19.76 -14.45 -8.28
N TYR A 265 -19.96 -15.36 -9.21
CA TYR A 265 -19.90 -15.03 -10.65
C TYR A 265 -20.94 -15.91 -11.28
N VAL A 266 -22.06 -15.33 -11.69
CA VAL A 266 -23.07 -16.23 -12.25
C VAL A 266 -23.24 -16.05 -13.73
N TRP A 267 -23.12 -17.13 -14.47
CA TRP A 267 -23.22 -17.03 -15.92
C TRP A 267 -24.69 -17.16 -16.29
N TRP A 268 -25.06 -16.75 -17.51
CA TRP A 268 -26.41 -16.94 -18.04
C TRP A 268 -26.77 -18.43 -18.15
N TYR A 269 -27.66 -18.77 -19.08
CA TYR A 269 -28.12 -20.17 -19.27
C TYR A 269 -27.00 -21.15 -19.09
N ILE A 270 -27.23 -22.20 -18.31
CA ILE A 270 -26.20 -23.18 -18.14
C ILE A 270 -26.05 -24.05 -19.35
N ARG A 271 -27.16 -24.54 -19.86
CA ARG A 271 -27.12 -25.31 -21.10
C ARG A 271 -27.44 -24.36 -22.23
N ARG A 272 -26.58 -24.31 -23.24
CA ARG A 272 -26.85 -23.36 -24.33
C ARG A 272 -25.72 -23.41 -25.30
N SER A 273 -26.05 -23.39 -26.58
CA SER A 273 -24.99 -23.57 -27.57
C SER A 273 -23.80 -22.64 -27.30
N TYR A 274 -24.00 -21.60 -26.49
CA TYR A 274 -22.90 -20.68 -26.23
C TYR A 274 -22.52 -20.64 -24.80
N GLY A 275 -23.01 -21.61 -24.01
CA GLY A 275 -22.71 -21.66 -22.57
C GLY A 275 -21.77 -22.76 -22.08
N PRO A 276 -21.59 -22.83 -20.76
CA PRO A 276 -20.58 -23.70 -20.18
C PRO A 276 -20.88 -25.16 -20.44
N MET A 277 -22.15 -25.49 -20.66
CA MET A 277 -22.56 -26.88 -20.91
C MET A 277 -23.39 -26.94 -22.20
N LYS A 278 -22.86 -27.60 -23.22
CA LYS A 278 -23.50 -27.64 -24.57
C LYS A 278 -24.84 -28.41 -24.59
N GLU A 279 -25.62 -28.18 -25.63
CA GLU A 279 -26.97 -28.74 -25.67
C GLU A 279 -26.97 -30.24 -25.62
N ASP A 280 -25.89 -30.88 -26.05
CA ASP A 280 -25.81 -32.36 -25.98
C ASP A 280 -25.59 -32.88 -24.54
N GLY A 281 -25.60 -31.99 -23.53
CA GLY A 281 -25.41 -32.41 -22.12
C GLY A 281 -23.97 -32.21 -21.66
N THR A 282 -23.13 -31.99 -22.64
CA THR A 282 -21.69 -32.04 -22.53
C THR A 282 -21.08 -30.72 -22.08
N ILE A 283 -19.90 -30.74 -21.44
CA ILE A 283 -19.23 -29.52 -20.97
C ILE A 283 -18.46 -28.81 -22.08
N SER A 284 -18.69 -27.52 -22.27
CA SER A 284 -17.99 -26.82 -23.31
C SER A 284 -16.64 -26.31 -22.84
N LYS A 285 -15.78 -25.96 -23.80
CA LYS A 285 -14.55 -25.26 -23.51
C LYS A 285 -14.83 -24.07 -22.64
N ARG A 286 -15.87 -23.32 -22.98
CA ARG A 286 -16.28 -22.24 -22.09
C ARG A 286 -16.56 -22.78 -20.69
N GLY A 287 -17.37 -23.83 -20.60
CA GLY A 287 -17.57 -24.55 -19.36
C GLY A 287 -16.28 -24.97 -18.66
N TYR A 288 -15.34 -25.53 -19.40
CA TYR A 288 -14.02 -25.83 -18.84
C TYR A 288 -13.33 -24.60 -18.25
N ASN A 289 -13.23 -23.54 -19.04
CA ASN A 289 -12.76 -22.30 -18.43
C ASN A 289 -13.52 -21.95 -17.15
N MET A 290 -14.78 -22.34 -17.07
CA MET A 290 -15.49 -22.02 -15.87
C MET A 290 -15.14 -22.97 -14.73
N ALA A 291 -14.94 -24.24 -15.07
CA ALA A 291 -14.58 -25.22 -14.08
C ALA A 291 -13.29 -24.87 -13.36
N HIS A 292 -12.30 -24.32 -14.08
CA HIS A 292 -11.02 -24.11 -13.47
C HIS A 292 -11.10 -23.32 -12.16
N PHE A 293 -12.21 -22.61 -11.97
CA PHE A 293 -12.50 -21.90 -10.72
C PHE A 293 -13.51 -22.71 -9.95
N SER A 294 -14.57 -23.05 -10.64
CA SER A 294 -15.73 -23.48 -9.91
C SER A 294 -15.47 -24.76 -9.15
N LYS A 295 -14.59 -25.62 -9.63
CA LYS A 295 -14.36 -26.93 -9.00
C LYS A 295 -13.32 -26.94 -7.89
N PHE A 296 -12.53 -25.88 -7.78
CA PHE A 296 -11.39 -25.85 -6.87
C PHE A 296 -11.52 -24.70 -5.94
N VAL A 297 -12.19 -23.65 -6.38
CA VAL A 297 -12.41 -22.53 -5.47
C VAL A 297 -13.74 -22.66 -4.73
N ARG A 298 -13.78 -23.52 -3.75
CA ARG A 298 -15.07 -23.89 -3.17
C ARG A 298 -15.76 -22.79 -2.33
N PRO A 299 -17.08 -22.86 -2.22
CA PRO A 299 -17.70 -21.74 -1.48
C PRO A 299 -17.06 -21.65 -0.09
N GLY A 300 -16.69 -20.46 0.35
CA GLY A 300 -16.09 -20.29 1.66
C GLY A 300 -14.59 -20.08 1.56
N TYR A 301 -14.00 -20.46 0.43
CA TYR A 301 -12.58 -20.17 0.14
C TYR A 301 -12.40 -18.67 0.16
N VAL A 302 -11.15 -18.21 0.23
CA VAL A 302 -10.96 -16.76 0.30
C VAL A 302 -9.91 -16.37 -0.68
N ARG A 303 -10.18 -15.36 -1.48
CA ARG A 303 -9.15 -14.94 -2.41
C ARG A 303 -8.01 -14.29 -1.64
N ILE A 304 -6.81 -14.34 -2.21
CA ILE A 304 -5.69 -13.73 -1.55
C ILE A 304 -4.84 -12.96 -2.54
N ASP A 305 -3.99 -12.07 -2.07
CA ASP A 305 -3.17 -11.32 -3.01
C ASP A 305 -2.18 -12.21 -3.82
N ALA A 306 -2.07 -11.95 -5.10
CA ALA A 306 -1.16 -12.72 -5.94
C ALA A 306 -0.88 -11.97 -7.23
N THR A 307 0.40 -11.80 -7.58
CA THR A 307 0.79 -11.03 -8.79
C THR A 307 -0.15 -11.34 -9.94
N LYS A 308 -0.97 -10.39 -10.35
CA LYS A 308 -2.02 -10.71 -11.30
C LYS A 308 -1.61 -10.90 -12.78
N ASN A 309 -0.63 -10.10 -13.22
CA ASN A 309 -0.28 -9.98 -14.63
C ASN A 309 1.22 -10.03 -14.81
N PRO A 310 1.85 -11.09 -14.32
CA PRO A 310 3.33 -11.26 -14.27
C PRO A 310 4.07 -11.27 -15.63
N ASN A 311 3.36 -11.50 -16.73
CA ASN A 311 4.01 -11.61 -18.04
C ASN A 311 2.97 -11.34 -19.09
N ALA A 312 3.39 -10.95 -20.28
CA ALA A 312 2.44 -10.61 -21.33
C ALA A 312 1.41 -11.72 -21.38
N ASN A 313 0.11 -11.40 -21.32
CA ASN A 313 -0.97 -12.39 -21.50
C ASN A 313 -1.07 -13.47 -20.47
N VAL A 314 -0.28 -13.33 -19.43
CA VAL A 314 -0.36 -14.25 -18.35
C VAL A 314 -1.20 -13.55 -17.32
N TYR A 315 -2.16 -14.24 -16.73
CA TYR A 315 -3.02 -13.60 -15.69
C TYR A 315 -3.26 -14.52 -14.54
N VAL A 316 -3.15 -14.01 -13.31
CA VAL A 316 -3.08 -14.91 -12.13
C VAL A 316 -3.92 -14.52 -10.92
N SER A 317 -4.52 -15.52 -10.29
CA SER A 317 -5.40 -15.28 -9.16
C SER A 317 -5.20 -16.47 -8.20
N ALA A 318 -5.37 -16.22 -6.90
CA ALA A 318 -5.13 -17.26 -5.90
C ALA A 318 -6.20 -17.19 -4.84
N TYR A 319 -6.46 -18.34 -4.25
CA TYR A 319 -7.46 -18.45 -3.21
C TYR A 319 -7.00 -19.43 -2.11
N LYS A 320 -7.57 -19.30 -0.95
CA LYS A 320 -7.21 -20.23 0.07
C LYS A 320 -8.45 -20.78 0.80
N GLY A 321 -8.36 -22.04 1.18
CA GLY A 321 -9.38 -22.69 1.96
C GLY A 321 -8.96 -24.14 2.14
N ASP A 322 -9.56 -24.84 3.09
CA ASP A 322 -9.26 -26.25 3.23
C ASP A 322 -7.78 -26.56 3.31
N ASN A 323 -7.05 -25.82 4.10
CA ASN A 323 -5.64 -26.03 4.06
C ASN A 323 -5.19 -26.32 2.60
N LYS A 324 -5.67 -25.50 1.69
CA LYS A 324 -5.12 -25.41 0.33
C LYS A 324 -5.06 -23.95 -0.14
N VAL A 325 -4.14 -23.72 -1.08
CA VAL A 325 -4.16 -22.52 -1.88
C VAL A 325 -4.38 -22.94 -3.31
N VAL A 326 -5.47 -22.51 -3.91
CA VAL A 326 -5.74 -22.73 -5.35
C VAL A 326 -5.26 -21.55 -6.23
N ILE A 327 -4.37 -21.84 -7.17
CA ILE A 327 -3.94 -20.84 -8.14
C ILE A 327 -4.55 -20.99 -9.55
N VAL A 328 -4.91 -19.88 -10.21
CA VAL A 328 -5.36 -19.96 -11.58
C VAL A 328 -4.54 -19.09 -12.55
N ALA A 329 -3.73 -19.79 -13.34
CA ALA A 329 -2.77 -19.21 -14.23
C ALA A 329 -3.19 -19.39 -15.70
N ILE A 330 -3.54 -18.27 -16.35
CA ILE A 330 -3.96 -18.21 -17.74
C ILE A 330 -2.86 -17.62 -18.65
N ASN A 331 -2.54 -18.37 -19.68
CA ASN A 331 -1.64 -17.91 -20.74
C ASN A 331 -2.34 -17.69 -22.10
N LYS A 332 -2.31 -16.47 -22.59
CA LYS A 332 -3.00 -16.19 -23.85
C LYS A 332 -2.12 -15.86 -25.05
N SER A 333 -0.82 -16.11 -24.95
CA SER A 333 0.08 -16.05 -26.11
C SER A 333 0.02 -17.31 -26.91
N ASN A 334 0.42 -17.21 -28.16
CA ASN A 334 0.67 -18.41 -28.92
C ASN A 334 1.94 -19.10 -28.43
N THR A 335 2.44 -18.66 -27.28
CA THR A 335 3.73 -19.14 -26.82
C THR A 335 3.72 -19.50 -25.34
N GLY A 336 4.06 -20.76 -25.06
CA GLY A 336 4.08 -21.31 -23.70
C GLY A 336 5.13 -20.61 -22.89
N VAL A 337 4.94 -20.50 -21.59
CA VAL A 337 5.84 -19.68 -20.77
C VAL A 337 6.14 -20.36 -19.46
N ASN A 338 7.38 -20.25 -19.02
CA ASN A 338 7.76 -20.78 -17.73
C ASN A 338 7.45 -19.72 -16.77
N GLN A 339 6.61 -20.04 -15.78
CA GLN A 339 6.25 -19.09 -14.74
C GLN A 339 6.63 -19.60 -13.35
N ASN A 340 7.32 -18.78 -12.56
CA ASN A 340 7.67 -19.17 -11.20
C ASN A 340 6.76 -18.60 -10.08
N PHE A 341 6.39 -19.48 -9.15
CA PHE A 341 5.42 -19.14 -8.15
C PHE A 341 6.00 -19.12 -6.74
N VAL A 342 5.97 -17.97 -6.11
CA VAL A 342 6.40 -17.89 -4.74
C VAL A 342 5.26 -17.85 -3.74
N LEU A 343 5.40 -18.68 -2.71
CA LEU A 343 4.40 -18.77 -1.71
C LEU A 343 4.94 -18.02 -0.52
N GLN A 344 4.35 -16.87 -0.22
CA GLN A 344 4.79 -16.09 0.93
C GLN A 344 3.82 -16.21 2.09
N ASN A 345 4.35 -16.32 3.32
CA ASN A 345 3.51 -16.42 4.52
C ASN A 345 2.60 -17.68 4.57
N GLY A 346 3.11 -18.79 4.06
CA GLY A 346 2.43 -20.06 4.12
C GLY A 346 3.44 -21.04 3.61
N SER A 347 3.17 -22.33 3.73
CA SER A 347 4.11 -23.31 3.24
C SER A 347 3.40 -24.48 2.59
N ALA A 348 4.01 -25.05 1.60
CA ALA A 348 3.35 -26.09 0.89
C ALA A 348 4.20 -27.37 0.83
N SER A 349 3.52 -28.50 0.84
CA SER A 349 4.18 -29.76 0.66
C SER A 349 4.29 -29.91 -0.83
N ASN A 350 3.15 -30.00 -1.49
CA ASN A 350 3.14 -30.50 -2.85
C ASN A 350 2.07 -29.83 -3.72
N VAL A 351 2.23 -29.95 -5.03
CA VAL A 351 1.31 -29.26 -5.88
C VAL A 351 0.70 -30.12 -6.98
N SER A 352 -0.61 -29.99 -7.16
CA SER A 352 -1.34 -30.73 -8.18
C SER A 352 -1.92 -29.75 -9.18
N ARG A 353 -2.16 -30.17 -10.41
CA ARG A 353 -2.68 -29.27 -11.43
C ARG A 353 -3.44 -29.93 -12.55
N TRP A 354 -4.27 -29.12 -13.19
CA TRP A 354 -5.07 -29.53 -14.34
C TRP A 354 -5.02 -28.43 -15.40
N ILE A 355 -5.16 -28.83 -16.66
CA ILE A 355 -4.88 -27.92 -17.77
C ILE A 355 -5.86 -28.05 -18.90
N THR A 356 -6.50 -26.94 -19.23
CA THR A 356 -7.31 -26.88 -20.42
C THR A 356 -6.58 -26.12 -21.53
N SER A 357 -6.39 -26.79 -22.66
CA SER A 357 -5.88 -26.14 -23.86
C SER A 357 -6.84 -26.40 -25.04
N SER A 358 -6.33 -26.21 -26.25
CA SER A 358 -7.11 -26.43 -27.45
C SER A 358 -7.48 -27.88 -27.62
N SER A 359 -6.68 -28.77 -27.06
CA SER A 359 -6.81 -30.20 -27.34
C SER A 359 -6.84 -30.97 -26.05
N SER A 360 -7.27 -30.28 -24.99
CA SER A 360 -7.22 -30.82 -23.65
C SER A 360 -8.17 -30.06 -22.70
N ASN A 361 -9.08 -30.76 -22.04
CA ASN A 361 -9.80 -30.11 -20.96
C ASN A 361 -9.61 -30.70 -19.57
N LEU A 362 -9.09 -29.87 -18.67
CA LEU A 362 -9.03 -30.25 -17.26
C LEU A 362 -8.26 -31.51 -17.14
N GLN A 363 -7.30 -31.64 -18.04
CA GLN A 363 -6.38 -32.76 -18.09
C GLN A 363 -5.39 -32.69 -16.95
N PRO A 364 -5.35 -33.70 -16.11
CA PRO A 364 -4.38 -33.70 -15.03
C PRO A 364 -2.96 -33.44 -15.53
N GLY A 365 -2.25 -32.58 -14.82
CA GLY A 365 -0.90 -32.29 -15.21
C GLY A 365 0.03 -32.97 -14.26
N THR A 366 1.30 -32.67 -14.42
CA THR A 366 2.36 -33.33 -13.71
C THR A 366 2.48 -32.76 -12.29
N ASN A 367 2.40 -33.60 -11.26
CA ASN A 367 2.55 -33.11 -9.88
C ASN A 367 3.87 -32.42 -9.67
N LEU A 368 3.90 -31.43 -8.79
CA LEU A 368 5.16 -30.79 -8.49
C LEU A 368 5.39 -30.77 -6.99
N THR A 369 6.64 -30.66 -6.58
CA THR A 369 6.96 -30.46 -5.19
C THR A 369 7.49 -29.06 -5.01
N VAL A 370 7.00 -28.39 -3.97
CA VAL A 370 7.46 -27.07 -3.65
C VAL A 370 8.88 -27.11 -3.04
N SER A 371 9.88 -26.73 -3.81
CA SER A 371 11.27 -26.80 -3.35
C SER A 371 11.59 -25.72 -2.34
N GLY A 372 11.76 -24.48 -2.80
CA GLY A 372 12.08 -23.38 -1.89
C GLY A 372 10.81 -23.12 -1.11
N ASN A 373 10.31 -21.90 -1.14
CA ASN A 373 8.89 -21.80 -0.91
C ASN A 373 8.20 -21.47 -2.24
N HIS A 374 8.71 -22.05 -3.30
CA HIS A 374 8.29 -21.72 -4.64
C HIS A 374 8.27 -22.96 -5.50
N PHE A 375 7.62 -22.83 -6.66
CA PHE A 375 7.70 -23.82 -7.71
C PHE A 375 7.68 -23.14 -9.03
N TRP A 376 8.13 -23.84 -10.06
CA TRP A 376 8.04 -23.36 -11.41
C TRP A 376 6.94 -24.18 -12.09
N ALA A 377 6.45 -23.73 -13.24
CA ALA A 377 5.53 -24.54 -14.04
C ALA A 377 5.39 -23.88 -15.38
N HIS A 378 5.21 -24.69 -16.41
CA HIS A 378 5.12 -24.18 -17.77
C HIS A 378 3.65 -23.96 -18.03
N LEU A 379 3.30 -22.75 -18.43
CA LEU A 379 1.92 -22.52 -18.87
C LEU A 379 1.92 -22.60 -20.37
N PRO A 380 1.33 -23.68 -20.90
CA PRO A 380 1.35 -23.89 -22.35
C PRO A 380 0.68 -22.74 -23.07
N ALA A 381 0.98 -22.61 -24.36
CA ALA A 381 0.32 -21.66 -25.23
C ALA A 381 -1.19 -21.77 -25.09
N GLN A 382 -1.86 -20.62 -24.89
CA GLN A 382 -3.33 -20.54 -24.88
C GLN A 382 -4.00 -21.57 -23.99
N SER A 383 -3.72 -21.54 -22.70
CA SER A 383 -4.22 -22.57 -21.80
C SER A 383 -4.70 -21.95 -20.50
N VAL A 384 -5.48 -22.65 -19.72
CA VAL A 384 -5.60 -22.21 -18.35
C VAL A 384 -5.18 -23.34 -17.45
N THR A 385 -4.18 -23.09 -16.60
CA THR A 385 -3.81 -24.09 -15.62
C THR A 385 -4.43 -23.68 -14.33
N THR A 386 -4.90 -24.66 -13.56
CA THR A 386 -5.24 -24.47 -12.16
C THR A 386 -4.43 -25.36 -11.22
N PHE A 387 -3.90 -24.76 -10.16
CA PHE A 387 -3.06 -25.49 -9.24
C PHE A 387 -3.72 -25.57 -7.91
N VAL A 388 -3.80 -26.78 -7.37
CA VAL A 388 -4.12 -26.95 -5.96
C VAL A 388 -2.82 -27.24 -5.24
N VAL A 389 -2.40 -26.29 -4.42
CA VAL A 389 -1.29 -26.51 -3.51
C VAL A 389 -1.75 -27.08 -2.18
N ASN A 390 -1.03 -28.06 -1.67
CA ASN A 390 -1.36 -28.61 -0.34
C ASN A 390 -0.51 -27.96 0.76
N ARG A 391 -1.12 -27.12 1.58
CA ARG A 391 -0.42 -26.57 2.74
C ARG A 391 0.13 -27.67 3.63
N LEU A 392 1.17 -27.34 4.41
CA LEU A 392 1.77 -28.27 5.37
C LEU A 392 0.87 -28.53 6.57
N GLU A 393 1.05 -29.67 7.22
CA GLU A 393 0.22 -29.99 8.37
C GLU A 393 1.06 -30.33 9.66
N HIS A 394 0.52 -30.05 10.85
CA HIS A 394 0.99 -30.62 12.14
C HIS A 394 -0.06 -30.27 13.21
N HIS A 395 -1.07 -29.53 12.77
CA HIS A 395 -2.32 -29.30 13.51
C HIS A 395 -3.21 -30.53 13.42
N HIS A 396 -2.54 -31.69 13.38
CA HIS A 396 -3.20 -32.97 13.19
C HIS A 396 -4.12 -32.94 11.96
N HIS A 397 -4.03 -31.83 11.21
CA HIS A 397 -4.71 -31.66 9.92
C HIS A 397 -4.94 -30.18 9.63
N SER B 3 15.13 -9.20 -3.55
CA SER B 3 16.57 -9.18 -4.00
C SER B 3 16.82 -7.96 -4.89
N ASP B 4 16.04 -7.81 -5.98
CA ASP B 4 16.18 -6.66 -6.84
C ASP B 4 15.89 -5.36 -6.13
N VAL B 5 16.81 -4.42 -6.19
CA VAL B 5 16.49 -3.10 -5.67
C VAL B 5 15.69 -2.44 -6.75
N THR B 6 14.42 -2.11 -6.46
CA THR B 6 13.70 -1.28 -7.38
C THR B 6 13.41 0.13 -6.82
N VAL B 7 13.81 1.12 -7.62
CA VAL B 7 13.85 2.50 -7.21
C VAL B 7 12.71 3.21 -7.91
N ASN B 8 11.69 3.60 -7.16
CA ASN B 8 10.62 4.28 -7.83
C ASN B 8 10.77 5.80 -7.88
N VAL B 9 11.18 6.31 -9.04
CA VAL B 9 11.51 7.75 -9.22
C VAL B 9 10.28 8.65 -9.05
N SER B 10 9.12 8.00 -8.95
CA SER B 10 7.85 8.68 -9.00
C SER B 10 7.32 8.74 -7.59
N ALA B 11 7.86 7.85 -6.74
CA ALA B 11 7.40 7.76 -5.34
C ALA B 11 8.22 8.65 -4.41
N GLU B 12 7.85 9.92 -4.34
CA GLU B 12 8.66 10.86 -3.56
C GLU B 12 8.32 10.71 -2.09
N LYS B 13 9.34 10.70 -1.25
CA LYS B 13 9.10 10.77 0.19
C LYS B 13 9.45 12.17 0.61
N GLN B 14 10.22 12.29 1.70
CA GLN B 14 10.62 13.59 2.26
C GLN B 14 11.59 14.45 1.38
N VAL B 15 11.54 15.76 1.56
CA VAL B 15 12.47 16.63 0.86
C VAL B 15 13.63 16.95 1.80
N ILE B 16 14.82 16.59 1.39
CA ILE B 16 15.96 16.67 2.28
C ILE B 16 16.35 18.11 2.52
N ARG B 17 16.71 18.47 3.76
CA ARG B 17 17.28 19.80 3.96
C ARG B 17 18.78 19.76 4.02
N GLY B 18 19.36 18.60 4.31
CA GLY B 18 20.80 18.51 4.51
C GLY B 18 21.30 17.63 5.64
N PHE B 19 22.62 17.64 5.76
CA PHE B 19 23.36 16.80 6.66
C PHE B 19 24.46 17.70 7.16
N GLY B 20 24.90 17.49 8.38
CA GLY B 20 26.00 18.29 8.87
C GLY B 20 26.29 17.96 10.31
N GLY B 21 26.92 18.87 10.99
CA GLY B 21 27.31 18.59 12.34
C GLY B 21 27.34 19.83 13.21
N MET B 22 27.80 19.64 14.43
CA MET B 22 27.83 20.66 15.42
C MET B 22 29.16 21.35 15.43
N ASN B 23 29.15 22.68 15.59
CA ASN B 23 30.33 23.42 16.04
C ASN B 23 30.14 24.02 17.46
N HIS B 24 31.18 23.94 18.31
CA HIS B 24 31.16 24.53 19.65
C HIS B 24 32.56 25.00 20.06
N PRO B 25 32.89 26.25 19.77
CA PRO B 25 34.28 26.63 19.97
C PRO B 25 34.71 26.66 21.46
N ALA B 26 33.80 26.98 22.36
CA ALA B 26 34.14 26.99 23.76
C ALA B 26 34.42 25.57 24.23
N TRP B 27 33.69 24.59 23.66
CA TRP B 27 33.70 23.21 24.18
C TRP B 27 34.66 22.24 23.46
N ALA B 28 34.93 22.53 22.20
CA ALA B 28 35.81 21.68 21.40
C ALA B 28 36.83 22.53 20.68
N GLY B 29 36.57 23.83 20.64
CA GLY B 29 37.47 24.72 19.95
C GLY B 29 36.95 24.87 18.54
N ASP B 30 37.07 26.09 18.04
CA ASP B 30 36.52 26.40 16.75
C ASP B 30 37.13 25.54 15.65
N LEU B 31 36.40 25.38 14.56
CA LEU B 31 37.00 24.88 13.34
C LEU B 31 37.98 25.92 12.86
N THR B 32 39.12 25.47 12.32
CA THR B 32 40.06 26.38 11.69
C THR B 32 39.64 26.73 10.24
N ALA B 33 40.27 27.78 9.70
CA ALA B 33 39.98 28.23 8.37
C ALA B 33 39.86 27.05 7.45
N ALA B 34 40.86 26.18 7.52
CA ALA B 34 41.01 25.05 6.61
C ALA B 34 39.91 24.04 6.93
N GLN B 35 39.77 23.73 8.21
CA GLN B 35 38.69 22.84 8.60
C GLN B 35 37.36 23.40 8.13
N ARG B 36 37.15 24.69 8.40
CA ARG B 36 35.88 25.29 8.04
C ARG B 36 35.46 24.72 6.70
N GLU B 37 36.42 24.63 5.77
CA GLU B 37 35.99 24.30 4.45
C GLU B 37 36.14 22.86 4.05
N THR B 38 36.87 22.10 4.87
CA THR B 38 36.73 20.65 4.74
C THR B 38 35.26 20.34 5.10
N ALA B 39 34.70 21.08 6.04
CA ALA B 39 33.33 20.90 6.47
C ALA B 39 32.30 21.35 5.46
N PHE B 40 32.54 22.48 4.81
CA PHE B 40 31.49 22.98 3.94
C PHE B 40 31.74 22.98 2.43
N GLY B 41 32.99 23.03 2.01
CA GLY B 41 33.32 22.74 0.61
C GLY B 41 32.70 21.42 0.20
N ASN B 42 32.45 21.26 -1.09
CA ASN B 42 32.04 19.96 -1.60
C ASN B 42 33.01 19.44 -2.59
N GLY B 43 34.28 19.75 -2.37
CA GLY B 43 35.29 19.38 -3.32
C GLY B 43 35.75 17.96 -3.10
N GLN B 44 36.74 17.53 -3.87
CA GLN B 44 37.36 16.30 -3.53
C GLN B 44 37.88 16.42 -2.10
N ASN B 45 37.51 15.47 -1.27
CA ASN B 45 38.01 15.47 0.10
C ASN B 45 37.45 16.56 0.97
N GLN B 46 36.24 16.97 0.64
CA GLN B 46 35.45 17.76 1.56
C GLN B 46 34.13 17.05 1.85
N LEU B 47 33.67 17.18 3.09
CA LEU B 47 32.39 16.62 3.46
C LEU B 47 31.14 17.20 2.73
N GLY B 48 31.18 18.43 2.22
CA GLY B 48 29.92 19.03 1.69
C GLY B 48 28.73 19.11 2.68
N PHE B 49 29.03 19.23 3.97
CA PHE B 49 28.02 19.45 4.97
C PHE B 49 27.20 20.69 4.63
N SER B 50 25.88 20.59 4.66
CA SER B 50 25.04 21.71 4.26
C SER B 50 24.09 22.14 5.38
N ILE B 51 24.39 21.65 6.57
CA ILE B 51 23.77 22.21 7.75
C ILE B 51 24.79 22.36 8.83
N LEU B 52 24.93 23.56 9.37
CA LEU B 52 25.73 23.70 10.58
C LEU B 52 24.84 23.90 11.81
N ARG B 53 25.27 23.32 12.92
CA ARG B 53 24.59 23.58 14.16
C ARG B 53 25.51 24.26 15.15
N ILE B 54 25.00 25.34 15.73
CA ILE B 54 25.77 26.05 16.76
C ILE B 54 24.93 26.23 18.06
N HIS B 55 25.57 26.54 19.18
CA HIS B 55 24.82 26.65 20.45
C HIS B 55 24.56 28.08 20.90
N VAL B 56 23.34 28.35 21.38
CA VAL B 56 23.01 29.66 21.94
C VAL B 56 23.52 29.75 23.38
N ASP B 57 24.61 30.45 23.58
CA ASP B 57 25.23 30.45 24.89
C ASP B 57 24.50 31.36 25.90
N GLU B 58 24.18 30.80 27.07
CA GLU B 58 23.48 31.54 28.15
C GLU B 58 24.05 32.95 28.31
N ASN B 59 25.36 33.04 28.08
CA ASN B 59 26.09 34.28 28.23
C ASN B 59 26.27 35.06 26.93
N ARG B 60 25.48 36.11 26.77
CA ARG B 60 25.44 36.79 25.47
C ARG B 60 26.75 37.44 25.04
N ASN B 61 27.75 37.53 25.91
CA ASN B 61 28.99 38.15 25.44
C ASN B 61 29.99 37.17 24.82
N ASN B 62 29.60 35.89 24.77
CA ASN B 62 30.31 34.85 24.01
C ASN B 62 29.72 34.62 22.62
N TRP B 63 28.48 35.07 22.43
CA TRP B 63 27.79 34.84 21.16
C TRP B 63 28.75 35.00 19.98
N TYR B 64 29.59 36.03 20.02
CA TYR B 64 30.49 36.35 18.94
C TYR B 64 31.43 35.19 18.58
N LYS B 65 31.71 34.33 19.53
CA LYS B 65 32.51 33.17 19.17
C LYS B 65 31.94 32.41 17.95
N GLU B 66 30.64 32.52 17.71
CA GLU B 66 30.01 31.63 16.72
C GLU B 66 30.19 32.13 15.28
N VAL B 67 30.43 33.43 15.14
CA VAL B 67 30.28 34.11 13.84
C VAL B 67 31.22 33.64 12.71
N GLU B 68 32.52 33.70 12.96
CA GLU B 68 33.45 33.30 11.91
C GLU B 68 33.00 31.99 11.23
N THR B 69 32.66 30.97 12.00
CA THR B 69 32.39 29.65 11.38
C THR B 69 31.01 29.58 10.76
N ALA B 70 30.08 30.32 11.35
CA ALA B 70 28.72 30.39 10.81
C ALA B 70 28.75 31.01 9.41
N LYS B 71 29.40 32.16 9.32
CA LYS B 71 29.71 32.87 8.10
C LYS B 71 30.34 31.95 7.00
N SER B 72 31.40 31.24 7.34
CA SER B 72 31.93 30.25 6.42
C SER B 72 30.83 29.33 5.92
N ALA B 73 30.05 28.74 6.84
CA ALA B 73 28.98 27.84 6.42
C ALA B 73 28.01 28.58 5.50
N VAL B 74 27.59 29.76 5.93
CA VAL B 74 26.59 30.45 5.18
C VAL B 74 27.20 30.83 3.86
N LYS B 75 28.51 31.07 3.86
CA LYS B 75 29.13 31.41 2.60
C LYS B 75 29.04 30.19 1.66
N HIS B 76 29.24 28.98 2.17
CA HIS B 76 29.25 27.79 1.35
C HIS B 76 27.85 27.27 0.96
N GLY B 77 26.81 28.03 1.29
CA GLY B 77 25.44 27.58 1.01
C GLY B 77 24.81 26.67 2.08
N ALA B 78 25.56 26.32 3.12
CA ALA B 78 24.94 25.57 4.21
C ALA B 78 23.91 26.45 4.94
N ILE B 79 22.93 25.86 5.62
CA ILE B 79 22.10 26.67 6.53
C ILE B 79 22.64 26.47 7.94
N VAL B 80 22.27 27.36 8.86
CA VAL B 80 22.73 27.21 10.25
C VAL B 80 21.57 27.40 11.21
N PHE B 81 21.38 26.42 12.10
CA PHE B 81 20.46 26.60 13.23
C PHE B 81 21.20 26.55 14.58
N ALA B 82 20.53 27.06 15.60
CA ALA B 82 21.18 27.23 16.90
C ALA B 82 20.40 26.57 18.03
N SER B 83 21.13 26.05 19.00
CA SER B 83 20.50 25.29 20.06
C SER B 83 20.97 25.78 21.42
N PRO B 84 20.05 26.37 22.20
CA PRO B 84 20.30 26.85 23.55
C PRO B 84 20.43 25.68 24.52
N TRP B 85 21.40 25.73 25.44
CA TRP B 85 21.54 24.69 26.45
C TRP B 85 20.92 25.14 27.73
N ASN B 86 21.26 26.36 28.14
CA ASN B 86 20.81 26.96 29.39
C ASN B 86 20.45 28.38 29.12
N PRO B 87 19.33 28.86 29.71
CA PRO B 87 18.98 30.28 29.67
C PRO B 87 19.91 31.07 30.59
N PRO B 88 20.01 32.40 30.37
CA PRO B 88 20.95 33.11 31.23
C PRO B 88 20.71 32.70 32.67
N SER B 89 21.75 32.18 33.28
CA SER B 89 21.73 31.76 34.66
C SER B 89 20.80 32.55 35.61
N ASP B 90 20.64 33.86 35.41
CA ASP B 90 19.70 34.59 36.27
C ASP B 90 18.24 34.30 35.91
N MET B 91 18.02 33.50 34.88
CA MET B 91 16.64 33.17 34.52
C MET B 91 16.18 31.81 35.12
N VAL B 92 17.08 31.15 35.84
CA VAL B 92 16.99 29.73 36.17
C VAL B 92 16.80 29.45 37.66
N GLU B 93 15.78 28.67 38.02
CA GLU B 93 15.63 28.25 39.42
C GLU B 93 15.96 26.81 39.68
N THR B 94 16.56 26.56 40.84
CA THR B 94 16.77 25.20 41.28
C THR B 94 15.44 24.67 41.82
N PHE B 95 15.02 23.49 41.37
CA PHE B 95 13.79 22.88 41.83
C PHE B 95 14.02 21.42 42.09
N ASN B 96 12.98 20.74 42.58
CA ASN B 96 13.12 19.35 43.03
C ASN B 96 12.67 18.30 42.02
N ARG B 97 13.64 17.75 41.30
CA ARG B 97 13.37 16.67 40.38
C ARG B 97 13.66 15.37 41.14
N ASN B 98 12.63 14.54 41.25
CA ASN B 98 12.67 13.30 42.07
C ASN B 98 13.76 13.30 43.13
N GLY B 99 13.47 13.95 44.25
CA GLY B 99 14.38 13.97 45.39
C GLY B 99 15.71 14.50 44.90
N ASP B 100 15.63 15.56 44.12
CA ASP B 100 16.85 16.14 43.57
C ASP B 100 16.86 17.63 43.83
N THR B 101 17.44 17.97 44.98
CA THR B 101 17.59 19.34 45.41
C THR B 101 18.11 20.21 44.24
N SER B 102 18.94 19.61 43.37
CA SER B 102 19.77 20.35 42.37
C SER B 102 19.21 20.65 40.94
N ALA B 103 18.27 19.85 40.46
CA ALA B 103 17.79 19.99 39.07
C ALA B 103 17.35 21.42 38.68
N LYS B 104 17.81 21.90 37.52
CA LYS B 104 17.51 23.28 37.12
C LYS B 104 16.36 23.37 36.10
N ARG B 105 15.65 24.51 36.08
CA ARG B 105 14.63 24.74 35.07
C ARG B 105 14.47 26.22 34.78
N LEU B 106 14.01 26.57 33.59
CA LEU B 106 13.58 27.94 33.36
C LEU B 106 12.61 28.30 34.48
N LYS B 107 12.57 29.57 34.90
CA LYS B 107 11.54 30.03 35.86
C LYS B 107 10.26 30.35 35.14
N TYR B 108 9.16 29.91 35.73
CA TYR B 108 7.88 29.88 35.02
C TYR B 108 7.59 31.22 34.44
N ASN B 109 8.16 32.23 35.08
CA ASN B 109 7.78 33.57 34.66
C ASN B 109 8.84 34.29 33.82
N LYS B 110 9.91 33.57 33.48
CA LYS B 110 10.94 34.03 32.56
C LYS B 110 10.70 33.54 31.14
N TYR B 111 9.64 32.77 30.92
CA TYR B 111 9.26 32.36 29.57
C TYR B 111 9.29 33.47 28.51
N ALA B 112 9.02 34.71 28.90
CA ALA B 112 9.07 35.81 27.92
C ALA B 112 10.46 36.48 27.84
N ALA B 113 11.18 36.55 28.96
CA ALA B 113 12.59 36.96 28.90
C ALA B 113 13.40 35.96 28.05
N TYR B 114 13.19 34.66 28.31
CA TYR B 114 13.81 33.64 27.53
C TYR B 114 13.55 33.92 26.09
N ALA B 115 12.30 34.19 25.75
CA ALA B 115 11.98 34.37 24.33
C ALA B 115 12.77 35.53 23.73
N GLN B 116 12.96 36.58 24.53
CA GLN B 116 13.67 37.77 24.07
C GLN B 116 15.16 37.42 23.89
N HIS B 117 15.67 36.69 24.86
CA HIS B 117 17.04 36.24 24.81
C HIS B 117 17.24 35.41 23.55
N LEU B 118 16.38 34.45 23.30
CA LEU B 118 16.48 33.78 22.01
C LEU B 118 16.51 34.82 20.86
N ASN B 119 15.42 35.53 20.66
CA ASN B 119 15.36 36.60 19.66
C ASN B 119 16.66 37.41 19.50
N ASP B 120 17.18 37.92 20.60
CA ASP B 120 18.39 38.71 20.54
C ASP B 120 19.52 37.99 19.81
N PHE B 121 19.74 36.73 20.20
CA PHE B 121 20.69 35.90 19.52
C PHE B 121 20.39 35.89 18.01
N VAL B 122 19.14 35.60 17.65
CA VAL B 122 18.79 35.51 16.23
C VAL B 122 19.08 36.86 15.59
N THR B 123 18.98 37.96 16.36
CA THR B 123 19.25 39.27 15.80
C THR B 123 20.75 39.53 15.68
N PHE B 124 21.48 39.14 16.72
CA PHE B 124 22.92 39.38 16.79
C PHE B 124 23.56 38.66 15.63
N MET B 125 23.16 37.42 15.44
CA MET B 125 23.69 36.65 14.31
C MET B 125 23.43 37.36 13.00
N LYS B 126 22.21 37.84 12.83
CA LYS B 126 21.84 38.58 11.64
C LYS B 126 22.82 39.75 11.46
N ASN B 127 23.10 40.43 12.56
CA ASN B 127 23.86 41.65 12.49
C ASN B 127 25.29 41.36 12.27
N ASN B 128 25.65 40.08 12.23
CA ASN B 128 26.99 39.75 11.83
C ASN B 128 26.94 38.91 10.60
N GLY B 129 25.97 39.22 9.76
CA GLY B 129 25.86 38.63 8.43
C GLY B 129 25.40 37.18 8.39
N VAL B 130 24.77 36.69 9.44
CA VAL B 130 24.39 35.29 9.45
C VAL B 130 22.92 35.16 9.81
N ASN B 131 22.06 34.92 8.83
CA ASN B 131 20.64 34.73 9.08
C ASN B 131 20.33 33.29 9.49
N LEU B 132 20.18 33.03 10.80
CA LEU B 132 19.81 31.67 11.25
C LEU B 132 18.63 31.10 10.47
N TYR B 133 18.75 29.85 10.08
CA TYR B 133 17.62 29.19 9.51
C TYR B 133 16.56 28.91 10.61
N ALA B 134 17.02 28.44 11.75
CA ALA B 134 16.14 28.05 12.82
C ALA B 134 16.76 28.34 14.18
N ILE B 135 15.92 28.33 15.21
CA ILE B 135 16.39 28.33 16.57
C ILE B 135 15.52 27.46 17.49
N SER B 136 16.18 26.74 18.40
CA SER B 136 15.55 25.69 19.18
C SER B 136 15.19 26.21 20.57
N VAL B 137 14.05 25.76 21.08
CA VAL B 137 13.65 26.17 22.41
C VAL B 137 14.66 25.73 23.48
N GLN B 138 15.05 24.46 23.43
CA GLN B 138 15.92 23.89 24.44
C GLN B 138 16.57 22.60 23.90
N ASN B 139 17.83 22.36 24.24
CA ASN B 139 18.50 21.10 23.91
C ASN B 139 18.26 19.99 24.93
N GLU B 140 17.59 18.92 24.50
CA GLU B 140 17.40 17.74 25.35
C GLU B 140 16.84 18.19 26.70
N PRO B 141 15.65 18.80 26.66
CA PRO B 141 14.95 19.29 27.84
C PRO B 141 14.63 18.11 28.74
N ASP B 142 14.53 16.93 28.13
CA ASP B 142 14.22 15.68 28.85
C ASP B 142 15.48 14.88 29.27
N TYR B 143 16.64 15.53 29.26
CA TYR B 143 17.86 14.88 29.70
C TYR B 143 18.80 15.94 30.25
N ALA B 144 18.21 16.85 31.00
CA ALA B 144 18.92 18.01 31.51
C ALA B 144 19.72 17.81 32.84
N HIS B 145 20.12 16.58 33.14
CA HIS B 145 20.97 16.34 34.31
C HIS B 145 21.94 17.51 34.52
N GLU B 146 22.55 17.97 33.42
CA GLU B 146 23.54 19.02 33.48
C GLU B 146 23.25 20.24 32.65
N TRP B 147 22.00 20.42 32.26
CA TRP B 147 21.56 21.71 31.69
C TRP B 147 20.17 22.07 32.23
N THR B 148 19.20 22.38 31.37
CA THR B 148 17.91 22.83 31.91
C THR B 148 16.81 21.84 31.66
N TRP B 149 16.21 21.28 32.72
CA TRP B 149 15.09 20.40 32.53
C TRP B 149 13.91 21.21 32.05
N TRP B 150 13.05 20.56 31.26
CA TRP B 150 11.74 21.09 30.92
C TRP B 150 10.85 19.88 30.81
N THR B 151 9.69 19.91 31.46
CA THR B 151 8.73 18.83 31.33
C THR B 151 7.81 19.04 30.12
N PRO B 152 7.26 17.94 29.59
CA PRO B 152 6.42 18.11 28.41
C PRO B 152 5.55 19.32 28.57
N GLN B 153 4.85 19.44 29.67
CA GLN B 153 3.87 20.51 29.76
C GLN B 153 4.47 21.93 29.79
N GLU B 154 5.58 22.09 30.50
CA GLU B 154 6.36 23.33 30.44
C GLU B 154 6.60 23.74 28.98
N ILE B 155 7.33 22.91 28.23
CA ILE B 155 7.58 23.13 26.80
C ILE B 155 6.27 23.45 26.06
N LEU B 156 5.20 22.77 26.43
CA LEU B 156 3.92 23.00 25.78
C LEU B 156 3.46 24.46 25.90
N ARG B 157 3.76 25.06 27.05
CA ARG B 157 3.33 26.43 27.25
C ARG B 157 4.19 27.34 26.40
N PHE B 158 5.49 27.28 26.65
CA PHE B 158 6.42 28.06 25.86
C PHE B 158 6.12 27.99 24.38
N MET B 159 5.65 26.84 23.92
CA MET B 159 5.26 26.72 22.53
C MET B 159 3.98 27.53 22.34
N ARG B 160 2.99 27.28 23.20
CA ARG B 160 1.69 27.96 23.07
C ARG B 160 1.86 29.49 23.18
N GLU B 161 2.52 29.91 24.24
CA GLU B 161 2.55 31.31 24.61
C GLU B 161 3.77 32.13 24.15
N ASN B 162 4.90 31.50 23.81
CA ASN B 162 6.12 32.26 23.49
C ASN B 162 6.83 31.93 22.16
N ALA B 163 6.95 30.66 21.83
CA ALA B 163 7.38 30.31 20.49
C ALA B 163 6.88 31.31 19.43
N GLY B 164 5.66 31.81 19.58
CA GLY B 164 5.07 32.71 18.60
C GLY B 164 5.85 34.00 18.35
N SER B 165 6.66 34.38 19.33
CA SER B 165 7.40 35.65 19.28
C SER B 165 8.59 35.59 18.34
N ILE B 166 9.59 34.81 18.72
CA ILE B 166 10.77 34.45 17.91
C ILE B 166 10.67 34.64 16.39
N ASN B 167 11.41 35.61 15.86
CA ASN B 167 11.49 35.74 14.39
C ASN B 167 12.42 34.72 13.70
N ALA B 168 12.12 33.45 13.89
CA ALA B 168 12.79 32.43 13.15
C ALA B 168 12.06 31.10 13.30
N ARG B 169 12.28 30.21 12.34
CA ARG B 169 11.72 28.90 12.39
C ARG B 169 12.13 28.34 13.72
N VAL B 170 11.24 27.55 14.31
CA VAL B 170 11.37 27.13 15.67
C VAL B 170 11.53 25.63 15.73
N ILE B 171 12.68 25.18 16.18
CA ILE B 171 12.90 23.77 16.38
C ILE B 171 12.47 23.51 17.81
N ALA B 172 11.90 22.33 17.99
CA ALA B 172 11.56 21.75 19.28
C ALA B 172 11.07 20.33 18.93
N PRO B 173 11.18 19.44 19.91
CA PRO B 173 11.63 19.81 21.22
C PRO B 173 12.96 19.21 21.64
N GLU B 174 13.73 18.69 20.68
CA GLU B 174 15.09 18.16 20.89
C GLU B 174 15.22 17.18 22.04
N SER B 175 14.33 16.18 22.06
CA SER B 175 14.41 15.04 22.99
C SER B 175 15.67 14.21 22.73
N PHE B 176 16.40 13.88 23.78
CA PHE B 176 17.69 13.21 23.59
C PHE B 176 17.50 11.91 22.86
N GLN B 177 16.30 11.39 22.88
CA GLN B 177 16.17 10.03 22.38
C GLN B 177 14.82 9.81 21.65
N TYR B 178 14.18 10.90 21.29
CA TYR B 178 12.99 10.84 20.45
C TYR B 178 11.82 10.21 21.21
N LEU B 179 11.85 10.42 22.53
CA LEU B 179 10.71 10.03 23.36
C LEU B 179 9.53 10.88 22.94
N LYS B 180 8.45 10.27 22.50
CA LYS B 180 7.31 10.99 21.91
C LYS B 180 6.41 11.66 22.95
N ASN B 181 6.45 11.19 24.19
CA ASN B 181 5.77 11.97 25.24
C ASN B 181 6.13 13.46 25.18
N LEU B 182 7.37 13.77 24.82
CA LEU B 182 7.86 15.15 24.93
C LEU B 182 7.39 16.07 23.79
N SER B 183 6.64 15.55 22.82
CA SER B 183 6.33 16.26 21.56
C SER B 183 4.90 16.00 21.04
N ASP B 184 4.23 15.02 21.62
CA ASP B 184 2.83 14.83 21.36
C ASP B 184 2.06 16.08 21.87
N PRO B 185 2.34 16.47 23.11
CA PRO B 185 1.62 17.62 23.61
C PRO B 185 1.50 18.76 22.59
N ILE B 186 2.42 18.82 21.62
CA ILE B 186 2.49 19.96 20.72
C ILE B 186 1.69 19.75 19.45
N LEU B 187 1.79 18.56 18.91
CA LEU B 187 1.16 18.25 17.66
C LEU B 187 -0.32 18.28 18.00
N ASN B 188 -0.64 17.87 19.22
CA ASN B 188 -2.05 17.71 19.60
C ASN B 188 -2.66 19.02 20.05
N ASP B 189 -1.95 20.11 19.84
CA ASP B 189 -2.41 21.39 20.29
C ASP B 189 -2.40 22.40 19.16
N PRO B 190 -3.49 22.46 18.36
CA PRO B 190 -3.28 23.09 17.05
C PRO B 190 -2.60 24.44 17.21
N GLN B 191 -2.42 24.88 18.46
CA GLN B 191 -1.91 26.23 18.72
C GLN B 191 -0.40 26.27 18.92
N ALA B 192 0.11 25.39 19.78
CA ALA B 192 1.54 25.17 19.88
C ALA B 192 2.06 24.69 18.51
N LEU B 193 1.29 23.81 17.87
CA LEU B 193 1.62 23.36 16.50
C LEU B 193 1.85 24.53 15.50
N ALA B 194 1.08 25.60 15.65
CA ALA B 194 1.27 26.76 14.80
C ALA B 194 2.67 27.36 15.04
N ASN B 195 3.09 27.44 16.30
CA ASN B 195 4.37 28.07 16.63
C ASN B 195 5.62 27.22 16.43
N MET B 196 5.43 25.99 15.97
CA MET B 196 6.57 25.12 15.66
C MET B 196 6.82 25.14 14.18
N ASP B 197 8.06 24.91 13.79
CA ASP B 197 8.40 24.95 12.38
C ASP B 197 9.13 23.68 12.00
N ILE B 198 9.81 23.10 12.97
CA ILE B 198 10.56 21.87 12.75
C ILE B 198 10.44 21.07 14.02
N LEU B 199 10.11 19.79 13.89
CA LEU B 199 10.15 18.93 15.02
C LEU B 199 11.60 18.47 15.02
N GLY B 200 12.25 18.53 16.18
CA GLY B 200 13.65 18.18 16.30
C GLY B 200 13.93 17.15 17.38
N THR B 201 14.73 16.15 17.03
CA THR B 201 15.09 15.18 18.03
C THR B 201 16.50 14.66 17.80
N HIS B 202 16.95 13.97 18.85
CA HIS B 202 18.18 13.23 18.84
C HIS B 202 17.81 11.76 18.94
N LEU B 203 18.80 10.89 18.69
CA LEU B 203 18.51 9.49 18.58
C LEU B 203 19.37 8.68 19.53
N TYR B 204 19.89 9.34 20.58
CA TYR B 204 20.74 8.64 21.52
C TYR B 204 20.07 7.43 22.15
N GLY B 205 20.29 6.28 21.55
CA GLY B 205 19.80 5.05 22.15
C GLY B 205 18.41 4.73 21.70
N THR B 206 17.88 5.50 20.76
CA THR B 206 16.57 5.25 20.19
C THR B 206 16.68 4.05 19.30
N GLN B 207 15.88 3.02 19.55
CA GLN B 207 15.89 1.84 18.70
C GLN B 207 15.18 2.10 17.36
N VAL B 208 15.67 1.46 16.31
CA VAL B 208 15.04 1.61 14.99
C VAL B 208 13.53 1.58 14.99
N SER B 209 12.94 0.73 15.79
CA SER B 209 11.49 0.68 15.89
C SER B 209 10.86 2.01 16.34
N GLN B 210 11.64 2.92 16.92
CA GLN B 210 11.08 4.16 17.48
C GLN B 210 11.23 5.33 16.53
N PHE B 211 11.95 5.09 15.44
CA PHE B 211 12.22 6.08 14.39
C PHE B 211 10.94 6.54 13.75
N PRO B 212 9.96 5.66 13.58
CA PRO B 212 8.72 6.13 12.92
C PRO B 212 7.91 6.90 13.92
N TYR B 213 6.95 7.70 13.46
CA TYR B 213 6.20 8.58 14.36
C TYR B 213 4.84 9.01 13.79
N PRO B 214 3.87 8.08 13.88
CA PRO B 214 2.52 8.24 13.36
C PRO B 214 1.93 9.56 13.80
N LEU B 215 2.09 9.93 15.06
CA LEU B 215 1.45 11.18 15.44
C LEU B 215 1.84 12.27 14.47
N PHE B 216 3.12 12.37 14.18
CA PHE B 216 3.58 13.47 13.37
C PHE B 216 3.00 13.32 11.97
N LYS B 217 3.12 12.13 11.43
CA LYS B 217 2.70 11.90 10.07
C LYS B 217 1.24 12.35 9.96
N GLN B 218 0.55 12.33 11.09
CA GLN B 218 -0.89 12.57 11.12
C GLN B 218 -1.19 14.06 11.20
N LYS B 219 -0.47 14.73 12.09
CA LYS B 219 -0.78 16.13 12.40
C LYS B 219 0.27 17.16 11.95
N GLY B 220 1.39 16.68 11.38
CA GLY B 220 2.54 17.55 11.08
C GLY B 220 2.80 17.97 9.64
N ALA B 221 1.77 17.87 8.79
CA ALA B 221 1.84 18.38 7.42
C ALA B 221 2.42 19.79 7.46
N GLY B 222 3.13 20.20 6.42
CA GLY B 222 3.72 21.52 6.45
C GLY B 222 4.75 21.73 7.57
N LYS B 223 4.91 20.76 8.47
CA LYS B 223 6.04 20.83 9.43
C LYS B 223 7.27 19.99 9.01
N ASP B 224 8.46 20.44 9.41
CA ASP B 224 9.72 19.73 9.16
C ASP B 224 10.03 18.65 10.20
N LEU B 225 10.84 17.67 9.79
CA LEU B 225 11.38 16.66 10.69
C LEU B 225 12.90 16.65 10.59
N TRP B 226 13.54 16.97 11.72
CA TRP B 226 14.99 16.98 11.81
C TRP B 226 15.53 16.13 12.95
N MET B 227 16.62 15.41 12.64
CA MET B 227 17.42 14.66 13.59
C MET B 227 18.49 15.68 13.77
N THR B 228 18.49 16.37 14.91
CA THR B 228 19.40 17.49 15.09
C THR B 228 20.63 17.08 15.86
N GLU B 229 20.73 15.82 16.25
CA GLU B 229 21.92 15.42 17.04
C GLU B 229 22.05 13.96 17.44
N VAL B 230 23.18 13.39 17.06
CA VAL B 230 23.53 12.07 17.53
C VAL B 230 24.99 11.86 17.21
N TYR B 231 25.63 10.97 17.95
CA TYR B 231 26.79 10.29 17.38
C TYR B 231 26.50 8.83 17.50
N TYR B 232 27.20 8.02 16.72
CA TYR B 232 26.88 6.62 16.60
C TYR B 232 28.06 5.96 15.91
N PRO B 233 28.27 4.67 16.16
CA PRO B 233 27.61 3.79 17.11
C PRO B 233 28.10 4.03 18.54
N ASN B 234 29.12 4.86 18.72
CA ASN B 234 29.60 5.13 20.04
C ASN B 234 30.37 6.41 19.92
N SER B 235 30.87 6.91 21.04
CA SER B 235 31.75 8.06 21.04
C SER B 235 33.08 7.65 21.68
N ASP B 236 33.72 6.65 21.10
CA ASP B 236 34.91 6.11 21.70
C ASP B 236 36.04 6.94 21.22
N THR B 237 36.60 7.70 22.13
CA THR B 237 37.74 8.50 21.76
C THR B 237 38.64 7.68 20.82
N ASN B 238 39.05 8.33 19.73
CA ASN B 238 39.89 7.71 18.71
C ASN B 238 39.31 6.55 17.92
N SER B 239 38.04 6.61 17.55
CA SER B 239 37.39 5.48 16.87
C SER B 239 37.05 5.76 15.40
N ALA B 240 37.26 6.99 14.94
CA ALA B 240 36.56 7.40 13.73
C ALA B 240 37.04 6.68 12.44
N ASP B 241 38.14 5.93 12.52
CA ASP B 241 38.63 5.18 11.34
C ASP B 241 38.47 3.64 11.40
N ARG B 242 37.93 3.09 12.48
CA ARG B 242 37.67 1.67 12.55
C ARG B 242 36.82 1.18 11.34
N TRP B 243 37.24 0.09 10.72
CA TRP B 243 36.38 -0.59 9.76
C TRP B 243 36.24 -1.97 10.32
N PRO B 244 35.04 -2.57 10.23
CA PRO B 244 33.88 -2.09 9.50
C PRO B 244 33.00 -1.19 10.37
N GLU B 245 33.45 -0.90 11.59
CA GLU B 245 32.59 -0.13 12.46
C GLU B 245 31.91 1.04 11.76
N ALA B 246 32.66 1.91 11.08
CA ALA B 246 32.05 3.17 10.57
C ALA B 246 30.92 2.94 9.58
N LEU B 247 30.86 1.74 9.02
CA LEU B 247 29.70 1.38 8.23
C LEU B 247 28.42 1.62 9.02
N ASP B 248 28.50 1.46 10.34
CA ASP B 248 27.34 1.72 11.17
C ASP B 248 26.82 3.15 11.10
N VAL B 249 27.73 4.09 10.97
CA VAL B 249 27.32 5.46 10.92
C VAL B 249 26.45 5.53 9.71
N SER B 250 26.89 4.81 8.69
CA SER B 250 26.20 4.84 7.41
C SER B 250 24.79 4.28 7.50
N GLN B 251 24.68 3.07 8.03
CA GLN B 251 23.37 2.47 8.15
C GLN B 251 22.47 3.25 9.12
N HIS B 252 23.10 3.96 10.05
CA HIS B 252 22.34 4.75 11.01
C HIS B 252 21.61 5.86 10.28
N ILE B 253 22.33 6.52 9.38
CA ILE B 253 21.72 7.54 8.58
C ILE B 253 20.69 6.88 7.65
N HIS B 254 21.07 5.78 7.00
CA HIS B 254 20.10 5.00 6.28
C HIS B 254 18.77 5.03 7.04
N ASN B 255 18.81 4.62 8.29
CA ASN B 255 17.55 4.39 8.98
C ASN B 255 16.91 5.74 9.27
N ALA B 256 17.75 6.71 9.58
CA ALA B 256 17.22 8.03 9.90
C ALA B 256 16.29 8.32 8.72
N MET B 257 16.86 8.30 7.53
CA MET B 257 16.23 8.65 6.25
C MET B 257 14.95 7.88 5.91
N VAL B 258 14.97 6.60 6.29
CA VAL B 258 14.17 5.59 5.63
C VAL B 258 13.05 5.11 6.54
N GLU B 259 13.38 4.87 7.80
CA GLU B 259 12.38 4.44 8.72
C GLU B 259 11.86 5.70 9.36
N GLY B 260 12.65 6.78 9.24
CA GLY B 260 12.39 7.96 10.05
C GLY B 260 11.84 9.12 9.25
N ASP B 261 12.14 9.14 7.98
CA ASP B 261 11.68 10.26 7.22
C ASP B 261 12.14 11.56 7.84
N PHE B 262 13.37 11.58 8.36
CA PHE B 262 14.05 12.81 8.72
C PHE B 262 14.57 13.51 7.50
N GLN B 263 14.41 14.83 7.49
CA GLN B 263 14.83 15.64 6.37
C GLN B 263 16.22 16.24 6.52
N ALA B 264 16.89 15.87 7.61
CA ALA B 264 18.13 16.48 8.08
C ALA B 264 18.62 15.51 9.12
N TYR B 265 19.93 15.31 9.09
CA TYR B 265 20.62 14.44 10.02
C TYR B 265 21.81 15.23 10.53
N VAL B 266 21.85 15.58 11.81
CA VAL B 266 22.99 16.38 12.26
C VAL B 266 23.81 15.71 13.34
N TRP B 267 25.06 15.45 13.02
CA TRP B 267 25.93 14.74 13.95
C TRP B 267 26.43 15.73 15.01
N TRP B 268 26.89 15.22 16.15
CA TRP B 268 27.52 16.03 17.20
C TRP B 268 28.79 16.73 16.67
N TYR B 269 29.72 17.08 17.55
CA TYR B 269 30.99 17.71 17.13
C TYR B 269 31.47 17.31 15.69
N ILE B 270 31.91 18.27 14.89
CA ILE B 270 32.38 17.88 13.57
C ILE B 270 33.84 17.41 13.63
N ARG B 271 34.64 18.09 14.44
CA ARG B 271 36.01 17.69 14.65
C ARG B 271 36.05 17.01 15.98
N ARG B 272 36.53 15.78 16.02
CA ARG B 272 36.56 15.05 17.28
C ARG B 272 37.09 13.66 16.98
N SER B 273 37.95 13.12 17.85
CA SER B 273 38.58 11.82 17.56
C SER B 273 37.53 10.79 17.19
N TYR B 274 36.27 11.04 17.56
CA TYR B 274 35.21 10.08 17.24
C TYR B 274 34.24 10.51 16.14
N GLY B 275 34.50 11.64 15.50
CA GLY B 275 33.55 12.23 14.54
C GLY B 275 34.01 12.14 13.11
N PRO B 276 33.22 12.75 12.21
CA PRO B 276 33.40 12.63 10.76
C PRO B 276 34.70 13.24 10.30
N MET B 277 35.20 14.22 11.05
CA MET B 277 36.50 14.85 10.72
C MET B 277 37.45 14.77 11.91
N LYS B 278 38.56 14.04 11.72
CA LYS B 278 39.57 13.80 12.79
C LYS B 278 40.35 15.05 13.24
N GLU B 279 40.81 15.05 14.47
CA GLU B 279 41.47 16.25 15.02
C GLU B 279 42.58 16.75 14.12
N ASP B 280 43.24 15.86 13.38
CA ASP B 280 44.28 16.33 12.46
C ASP B 280 43.70 17.08 11.23
N GLY B 281 42.42 17.47 11.27
CA GLY B 281 41.80 18.24 10.16
C GLY B 281 41.21 17.33 9.10
N THR B 282 41.57 16.07 9.19
CA THR B 282 41.36 15.11 8.14
C THR B 282 40.02 14.42 8.33
N ILE B 283 39.47 13.87 7.22
CA ILE B 283 38.14 13.21 7.19
C ILE B 283 38.22 11.78 7.67
N SER B 284 37.37 11.41 8.64
CA SER B 284 37.41 10.02 9.15
C SER B 284 36.57 9.08 8.34
N LYS B 285 36.85 7.79 8.48
CA LYS B 285 36.02 6.76 7.91
C LYS B 285 34.57 7.09 8.24
N ARG B 286 34.31 7.44 9.51
CA ARG B 286 32.96 7.87 9.88
C ARG B 286 32.56 9.05 9.01
N GLY B 287 33.46 10.01 8.87
CA GLY B 287 33.23 11.15 7.98
C GLY B 287 32.89 10.67 6.58
N TYR B 288 33.65 9.72 6.06
CA TYR B 288 33.35 9.17 4.75
C TYR B 288 31.94 8.58 4.66
N ASN B 289 31.61 7.72 5.61
CA ASN B 289 30.25 7.23 5.63
C ASN B 289 29.26 8.39 5.60
N MET B 290 29.67 9.51 6.16
CA MET B 290 28.70 10.55 6.23
C MET B 290 28.64 11.16 4.87
N ALA B 291 29.82 11.31 4.26
CA ALA B 291 29.93 11.99 2.98
C ALA B 291 29.09 11.30 1.89
N HIS B 292 28.90 10.00 2.00
CA HIS B 292 28.22 9.26 0.95
C HIS B 292 26.84 9.77 0.75
N PHE B 293 26.29 10.46 1.76
CA PHE B 293 25.00 11.14 1.61
C PHE B 293 25.26 12.61 1.37
N SER B 294 26.06 13.17 2.25
CA SER B 294 26.06 14.61 2.37
C SER B 294 26.51 15.25 1.07
N LYS B 295 27.44 14.63 0.36
CA LYS B 295 28.00 15.24 -0.86
C LYS B 295 27.12 15.08 -2.13
N PHE B 296 26.23 14.09 -2.09
CA PHE B 296 25.44 13.76 -3.26
C PHE B 296 24.00 14.07 -3.03
N VAL B 297 23.55 13.97 -1.80
CA VAL B 297 22.14 14.25 -1.59
C VAL B 297 21.93 15.71 -1.20
N ARG B 298 21.97 16.60 -2.18
CA ARG B 298 22.02 18.03 -1.88
C ARG B 298 20.72 18.62 -1.36
N PRO B 299 20.83 19.67 -0.54
CA PRO B 299 19.61 20.23 0.09
C PRO B 299 18.57 20.53 -0.97
N GLY B 300 17.35 20.06 -0.79
CA GLY B 300 16.34 20.26 -1.81
C GLY B 300 16.01 18.97 -2.52
N TYR B 301 16.97 18.03 -2.61
CA TYR B 301 16.74 16.69 -3.16
C TYR B 301 15.56 16.07 -2.44
N VAL B 302 14.99 15.02 -2.99
CA VAL B 302 13.82 14.40 -2.39
C VAL B 302 14.05 12.91 -2.34
N ARG B 303 13.85 12.30 -1.19
CA ARG B 303 14.03 10.85 -1.13
C ARG B 303 12.90 10.16 -1.91
N ILE B 304 13.12 8.93 -2.34
CA ILE B 304 12.07 8.25 -3.12
C ILE B 304 12.03 6.78 -2.74
N ASP B 305 10.90 6.13 -2.98
CA ASP B 305 10.83 4.72 -2.60
C ASP B 305 11.90 3.90 -3.32
N ALA B 306 12.53 2.97 -2.60
CA ALA B 306 13.51 2.04 -3.20
C ALA B 306 13.78 0.88 -2.24
N THR B 307 13.79 -0.35 -2.75
CA THR B 307 13.87 -1.55 -1.92
C THR B 307 14.94 -1.35 -0.87
N LYS B 308 14.56 -1.28 0.41
CA LYS B 308 15.53 -0.91 1.46
C LYS B 308 16.52 -1.96 1.93
N ASN B 309 16.09 -3.22 2.00
CA ASN B 309 16.91 -4.29 2.55
C ASN B 309 16.88 -5.55 1.66
N PRO B 310 17.33 -5.40 0.39
CA PRO B 310 17.27 -6.43 -0.68
C PRO B 310 18.10 -7.72 -0.48
N ASN B 311 18.96 -7.74 0.54
CA ASN B 311 19.79 -8.90 0.73
C ASN B 311 20.40 -8.78 2.13
N ALA B 312 20.85 -9.91 2.70
CA ALA B 312 21.35 -9.85 4.05
C ALA B 312 22.32 -8.70 4.06
N ASN B 313 22.29 -7.86 5.10
CA ASN B 313 23.32 -6.79 5.30
C ASN B 313 23.49 -5.79 4.15
N VAL B 314 22.64 -5.90 3.13
CA VAL B 314 22.57 -4.89 2.14
C VAL B 314 21.42 -3.92 2.48
N TYR B 315 21.70 -2.61 2.46
CA TYR B 315 20.69 -1.58 2.79
C TYR B 315 20.71 -0.42 1.82
N VAL B 316 19.52 0.03 1.41
CA VAL B 316 19.43 0.91 0.25
C VAL B 316 18.45 2.09 0.37
N SER B 317 18.92 3.22 -0.15
CA SER B 317 18.12 4.43 -0.08
C SER B 317 18.39 5.18 -1.36
N ALA B 318 17.43 6.00 -1.77
CA ALA B 318 17.51 6.63 -3.07
C ALA B 318 16.88 8.01 -2.97
N TYR B 319 17.46 8.95 -3.71
CA TYR B 319 16.99 10.34 -3.71
C TYR B 319 16.98 10.90 -5.14
N LYS B 320 16.15 11.92 -5.33
CA LYS B 320 16.06 12.52 -6.64
C LYS B 320 16.21 14.03 -6.57
N GLY B 321 16.89 14.60 -7.56
CA GLY B 321 17.14 16.05 -7.58
C GLY B 321 18.10 16.36 -8.70
N ASP B 322 18.01 17.57 -9.25
CA ASP B 322 18.96 17.94 -10.30
C ASP B 322 19.00 16.97 -11.43
N ASN B 323 17.86 16.61 -12.00
CA ASN B 323 17.88 15.56 -12.99
C ASN B 323 18.96 14.50 -12.65
N LYS B 324 18.88 14.03 -11.41
CA LYS B 324 19.66 12.89 -10.98
C LYS B 324 18.81 12.11 -9.98
N VAL B 325 19.13 10.82 -9.89
CA VAL B 325 18.74 10.00 -8.76
C VAL B 325 20.03 9.49 -8.13
N VAL B 326 20.19 9.76 -6.83
CA VAL B 326 21.34 9.28 -6.06
C VAL B 326 20.95 8.05 -5.24
N ILE B 327 21.73 6.97 -5.35
CA ILE B 327 21.43 5.77 -4.59
C ILE B 327 22.53 5.53 -3.58
N VAL B 328 22.18 4.95 -2.44
CA VAL B 328 23.19 4.62 -1.46
C VAL B 328 23.02 3.20 -1.01
N ALA B 329 23.98 2.37 -1.42
CA ALA B 329 23.95 0.93 -1.23
C ALA B 329 25.05 0.51 -0.31
N ILE B 330 24.68 -0.01 0.87
CA ILE B 330 25.59 -0.49 1.93
C ILE B 330 25.56 -2.03 2.04
N ASN B 331 26.75 -2.63 1.92
CA ASN B 331 26.94 -4.04 2.19
C ASN B 331 27.78 -4.26 3.49
N LYS B 332 27.25 -5.02 4.45
CA LYS B 332 27.95 -5.21 5.71
C LYS B 332 28.31 -6.70 5.97
N SER B 333 28.25 -7.54 4.93
CA SER B 333 28.77 -8.91 5.05
C SER B 333 30.24 -8.87 4.77
N ASN B 334 30.92 -9.91 5.25
CA ASN B 334 32.31 -10.11 4.91
C ASN B 334 32.37 -10.52 3.46
N THR B 335 31.23 -10.49 2.80
CA THR B 335 31.17 -11.02 1.46
C THR B 335 30.48 -10.07 0.47
N GLY B 336 31.20 -9.78 -0.63
CA GLY B 336 30.76 -8.81 -1.65
C GLY B 336 29.57 -9.39 -2.39
N VAL B 337 28.67 -8.53 -2.83
CA VAL B 337 27.44 -9.05 -3.43
C VAL B 337 27.12 -8.36 -4.74
N ASN B 338 26.62 -9.12 -5.73
CA ASN B 338 26.10 -8.50 -6.95
C ASN B 338 24.70 -8.02 -6.71
N GLN B 339 24.48 -6.73 -6.84
CA GLN B 339 23.13 -6.22 -6.62
C GLN B 339 22.60 -5.61 -7.93
N ASN B 340 21.36 -5.92 -8.29
CA ASN B 340 20.76 -5.33 -9.48
C ASN B 340 19.79 -4.22 -9.13
N PHE B 341 19.86 -3.11 -9.88
CA PHE B 341 19.04 -1.93 -9.60
C PHE B 341 18.11 -1.60 -10.74
N VAL B 342 16.81 -1.60 -10.45
CA VAL B 342 15.83 -1.24 -11.44
C VAL B 342 15.32 0.16 -11.23
N LEU B 343 15.32 0.92 -12.31
CA LEU B 343 14.80 2.25 -12.27
C LEU B 343 13.38 2.25 -12.84
N GLN B 344 12.39 2.51 -11.99
CA GLN B 344 11.02 2.56 -12.46
C GLN B 344 10.54 3.99 -12.55
N ASN B 345 9.73 4.29 -13.56
CA ASN B 345 9.12 5.62 -13.72
C ASN B 345 10.15 6.74 -13.88
N GLY B 346 11.28 6.42 -14.47
CA GLY B 346 12.31 7.39 -14.81
C GLY B 346 13.29 6.68 -15.72
N SER B 347 14.19 7.42 -16.34
CA SER B 347 15.09 6.75 -17.25
C SER B 347 16.43 7.36 -17.06
N ALA B 348 17.47 6.57 -17.32
CA ALA B 348 18.82 7.00 -17.04
C ALA B 348 19.66 6.77 -18.25
N SER B 349 20.56 7.73 -18.50
CA SER B 349 21.59 7.55 -19.50
C SER B 349 22.68 6.67 -18.91
N ASN B 350 23.31 7.19 -17.87
CA ASN B 350 24.58 6.68 -17.41
C ASN B 350 24.73 6.76 -15.89
N VAL B 351 25.60 5.94 -15.33
CA VAL B 351 25.74 5.91 -13.88
C VAL B 351 27.16 6.01 -13.39
N SER B 352 27.38 6.87 -12.40
CA SER B 352 28.70 7.04 -11.79
C SER B 352 28.67 6.55 -10.35
N ARG B 353 29.82 6.26 -9.77
CA ARG B 353 29.84 5.81 -8.38
C ARG B 353 31.15 6.00 -7.65
N TRP B 354 31.04 6.00 -6.33
CA TRP B 354 32.17 6.08 -5.42
C TRP B 354 31.99 5.02 -4.31
N ILE B 355 33.10 4.58 -3.72
CA ILE B 355 33.05 3.45 -2.82
C ILE B 355 34.03 3.54 -1.69
N THR B 356 33.51 3.58 -0.48
CA THR B 356 34.36 3.54 0.69
C THR B 356 34.41 2.14 1.27
N SER B 357 35.60 1.57 1.28
CA SER B 357 35.84 0.32 1.98
C SER B 357 36.92 0.48 3.06
N SER B 358 37.43 -0.65 3.54
CA SER B 358 38.42 -0.65 4.62
C SER B 358 39.66 0.06 4.17
N SER B 359 39.89 0.08 2.86
CA SER B 359 41.18 0.50 2.32
C SER B 359 40.97 1.52 1.21
N SER B 360 39.87 2.26 1.28
CA SER B 360 39.46 3.11 0.19
C SER B 360 38.32 4.04 0.65
N ASN B 361 38.49 5.33 0.42
CA ASN B 361 37.52 6.32 0.82
C ASN B 361 36.97 7.04 -0.41
N LEU B 362 35.68 6.89 -0.69
CA LEU B 362 35.05 7.71 -1.72
C LEU B 362 35.84 7.63 -2.97
N GLN B 363 36.39 6.45 -3.21
CA GLN B 363 37.20 6.14 -4.37
C GLN B 363 36.28 5.94 -5.54
N PRO B 364 36.49 6.70 -6.61
CA PRO B 364 35.64 6.58 -7.82
C PRO B 364 35.60 5.14 -8.30
N GLY B 365 34.42 4.66 -8.58
CA GLY B 365 34.31 3.32 -9.08
C GLY B 365 34.10 3.40 -10.57
N THR B 366 33.91 2.24 -11.17
CA THR B 366 33.77 2.14 -12.60
C THR B 366 32.38 2.66 -13.10
N ASN B 367 32.38 3.55 -14.10
CA ASN B 367 31.12 4.02 -14.69
C ASN B 367 30.31 2.89 -15.28
N LEU B 368 28.99 2.97 -15.14
CA LEU B 368 28.11 1.98 -15.77
C LEU B 368 27.07 2.66 -16.65
N THR B 369 26.55 1.90 -17.62
CA THR B 369 25.47 2.37 -18.51
C THR B 369 24.21 1.59 -18.17
N VAL B 370 23.10 2.27 -17.92
CA VAL B 370 21.87 1.51 -17.68
C VAL B 370 21.32 0.89 -18.94
N SER B 371 21.51 -0.41 -19.06
CA SER B 371 21.07 -1.17 -20.23
C SER B 371 19.55 -1.21 -20.32
N GLY B 372 18.90 -2.07 -19.54
CA GLY B 372 17.43 -2.19 -19.58
C GLY B 372 17.00 -0.89 -18.99
N ASN B 373 16.02 -0.88 -18.11
CA ASN B 373 15.99 0.30 -17.24
C ASN B 373 16.66 -0.01 -15.90
N HIS B 374 17.74 -0.75 -15.98
CA HIS B 374 18.39 -1.28 -14.80
C HIS B 374 19.88 -1.36 -15.01
N PHE B 375 20.57 -1.58 -13.90
CA PHE B 375 21.97 -1.86 -13.91
C PHE B 375 22.33 -2.75 -12.74
N TRP B 376 23.44 -3.47 -12.93
CA TRP B 376 24.02 -4.32 -11.91
C TRP B 376 25.24 -3.59 -11.35
N ALA B 377 25.70 -4.02 -10.18
CA ALA B 377 26.90 -3.46 -9.58
C ALA B 377 27.23 -4.32 -8.38
N HIS B 378 28.52 -4.48 -8.14
CA HIS B 378 29.01 -5.36 -7.13
C HIS B 378 29.26 -4.48 -5.91
N LEU B 379 28.60 -4.80 -4.81
CA LEU B 379 28.86 -4.12 -3.57
C LEU B 379 29.90 -4.95 -2.84
N PRO B 380 31.14 -4.45 -2.78
CA PRO B 380 32.22 -5.18 -2.11
C PRO B 380 31.89 -5.38 -0.62
N ALA B 381 32.60 -6.33 -0.04
CA ALA B 381 32.48 -6.68 1.36
C ALA B 381 32.67 -5.44 2.23
N GLN B 382 31.71 -5.20 3.14
CA GLN B 382 31.80 -4.09 4.09
C GLN B 382 32.22 -2.85 3.34
N SER B 383 31.28 -2.20 2.67
CA SER B 383 31.58 -0.99 1.89
C SER B 383 30.31 -0.18 1.79
N VAL B 384 30.43 1.08 1.45
CA VAL B 384 29.21 1.76 1.09
C VAL B 384 29.41 2.32 -0.31
N THR B 385 28.56 1.95 -1.24
CA THR B 385 28.65 2.57 -2.54
C THR B 385 27.56 3.61 -2.66
N THR B 386 27.91 4.73 -3.26
CA THR B 386 26.93 5.69 -3.70
C THR B 386 26.91 5.89 -5.23
N PHE B 387 25.73 5.81 -5.84
CA PHE B 387 25.60 6.01 -7.26
C PHE B 387 24.91 7.32 -7.54
N VAL B 388 25.50 8.11 -8.43
CA VAL B 388 24.77 9.18 -9.07
C VAL B 388 24.37 8.72 -10.47
N VAL B 389 23.08 8.53 -10.66
CA VAL B 389 22.57 8.21 -12.00
C VAL B 389 22.11 9.47 -12.71
N ASN B 390 22.39 9.54 -13.99
CA ASN B 390 22.02 10.73 -14.76
C ASN B 390 20.76 10.44 -15.54
N ARG B 391 19.67 11.10 -15.16
CA ARG B 391 18.47 11.03 -15.97
C ARG B 391 18.73 11.63 -17.33
N LEU B 392 17.95 11.28 -18.34
CA LEU B 392 18.15 11.85 -19.67
C LEU B 392 17.11 12.88 -20.10
N GLU B 393 17.55 13.94 -20.69
CA GLU B 393 16.70 15.04 -21.07
C GLU B 393 16.21 15.03 -22.53
N HIS B 394 15.51 14.00 -22.92
CA HIS B 394 14.96 13.98 -24.24
C HIS B 394 14.35 15.36 -24.68
N HIS B 395 15.18 16.40 -24.84
CA HIS B 395 14.69 17.74 -25.26
C HIS B 395 14.20 18.70 -24.14
N HIS B 396 14.27 18.21 -22.91
CA HIS B 396 14.10 19.09 -21.74
C HIS B 396 15.31 19.98 -21.47
#